data_1K0G
#
_entry.id   1K0G
#
_cell.length_a   102.010
_cell.length_b   109.710
_cell.length_c   134.380
_cell.angle_alpha   90.00
_cell.angle_beta   90.00
_cell.angle_gamma   90.00
#
_symmetry.space_group_name_H-M   'P 21 21 21'
#
loop_
_entity.id
_entity.type
_entity.pdbx_description
1 polymer 'p-aminobenzoate synthase component I'
2 non-polymer 'PHOSPHATE ION'
3 non-polymer TRYPTOPHAN
4 water water
#
_entity_poly.entity_id   1
_entity_poly.type   'polypeptide(L)'
_entity_poly.pdbx_seq_one_letter_code
;MKTLSPAVITLLWRQDAAEFYFSRLSHLPWAMLLHSGYADHPYSRFDIVVAEPICTLTTFGKETVVSESEKRTTTTDDPL
QVLQQVLDRADIRPTHNEDLPFQGGALGLFGYDLGRRFESLPEIAEQDIVLPDMAVGIYDWALIVDHQRHTVSLLSHNDV
NARRAWLESQQFSPQEDFTLTSDWQSNMTREQYGEKFRQVQEYLHSGDCYQVNLAQRFHATYSGDEWQAFLQLNQANRAP
FSAFLRLEQGAILSLSPERFILCDNSEIQTRPIKGTLPRLPDPQEDSKQAVKLANSAKDRAENLMIVDLMRNDIGRVAVA
GSVKVPELFVVEPFPAVHHLVSTITAQLPEQLHASDLLRAAFPGGSITGAPKVRAMEIIDELEPQRRNAWCGSIGYLSFC
GNMDTSITIRTLTAINGQIFCSAGGGIVADSQEEAEYQETFDKVNRILKQLEK
;
_entity_poly.pdbx_strand_id   A,B
#
loop_
_chem_comp.id
_chem_comp.type
_chem_comp.name
_chem_comp.formula
PO4 non-polymer 'PHOSPHATE ION' 'O4 P -3'
#
# COMPACT_ATOMS: atom_id res chain seq x y z
N MET A 1 15.92 36.64 8.99
CA MET A 1 15.90 35.16 9.12
C MET A 1 14.55 34.66 9.69
N LYS A 2 13.98 33.80 8.82
CA LYS A 2 12.67 33.26 9.21
C LYS A 2 12.88 32.03 10.06
N THR A 3 12.58 32.30 11.35
CA THR A 3 12.68 31.18 12.23
C THR A 3 11.35 30.54 12.54
N LEU A 4 10.31 31.10 12.01
CA LEU A 4 8.98 30.55 12.28
C LEU A 4 8.93 29.06 12.14
N SER A 5 8.29 28.29 12.99
CA SER A 5 8.24 26.89 12.71
C SER A 5 7.33 26.68 11.52
N PRO A 6 7.35 25.58 10.85
CA PRO A 6 6.54 25.48 9.66
C PRO A 6 5.08 25.32 10.01
N ALA A 7 4.04 25.65 9.27
CA ALA A 7 2.67 25.36 9.77
C ALA A 7 2.36 23.92 9.62
N VAL A 8 1.59 23.27 10.49
CA VAL A 8 1.40 21.86 10.41
C VAL A 8 -0.03 21.45 10.47
N ILE A 9 -0.40 20.49 9.68
CA ILE A 9 -1.76 19.98 9.76
C ILE A 9 -1.66 18.49 10.10
N THR A 10 -2.42 17.81 10.94
CA THR A 10 -2.20 16.36 11.08
C THR A 10 -3.32 15.73 10.27
N LEU A 11 -3.07 14.54 9.76
CA LEU A 11 -3.94 13.83 8.83
C LEU A 11 -4.34 12.54 9.55
N LEU A 12 -5.42 11.87 9.17
CA LEU A 12 -5.61 10.66 10.02
C LEU A 12 -4.54 9.59 9.96
N TRP A 13 -4.36 8.94 11.07
CA TRP A 13 -3.36 7.94 11.12
C TRP A 13 -3.73 6.71 10.33
N ARG A 14 -2.72 6.16 9.68
CA ARG A 14 -2.95 4.89 8.97
C ARG A 14 -1.60 4.14 8.94
N GLN A 15 -1.61 2.81 9.14
CA GLN A 15 -0.31 2.13 9.23
C GLN A 15 0.39 2.03 7.87
N ASP A 16 -0.04 2.67 6.80
CA ASP A 16 0.56 2.61 5.49
C ASP A 16 0.59 3.99 4.91
N ALA A 17 0.49 4.96 5.84
CA ALA A 17 0.37 6.28 5.25
C ALA A 17 1.42 6.70 4.24
N ALA A 18 2.65 6.42 4.57
CA ALA A 18 3.61 6.91 3.56
C ALA A 18 3.35 6.26 2.21
N GLU A 19 3.17 4.98 2.00
CA GLU A 19 2.91 4.53 0.63
C GLU A 19 1.60 5.05 0.14
N PHE A 20 0.64 5.26 1.00
CA PHE A 20 -0.66 5.71 0.57
C PHE A 20 -0.57 7.10 -0.01
N TYR A 21 0.03 8.03 0.70
CA TYR A 21 0.18 9.41 0.09
C TYR A 21 1.23 9.32 -0.99
N PHE A 22 2.31 8.59 -1.05
CA PHE A 22 3.25 8.66 -2.12
C PHE A 22 2.86 7.88 -3.38
N SER A 23 2.06 6.85 -3.36
CA SER A 23 1.50 6.13 -4.50
C SER A 23 1.10 7.04 -5.64
N ARG A 24 0.30 8.06 -5.22
CA ARG A 24 -0.15 8.96 -6.28
C ARG A 24 0.88 10.00 -6.66
N LEU A 25 2.12 10.05 -6.10
CA LEU A 25 3.09 10.99 -6.57
C LEU A 25 4.24 10.29 -7.27
N SER A 26 4.23 8.95 -7.28
CA SER A 26 5.49 8.30 -7.62
C SER A 26 5.87 8.55 -9.05
N HIS A 27 5.03 9.05 -9.92
CA HIS A 27 5.52 9.26 -11.28
C HIS A 27 5.87 10.70 -11.40
N LEU A 28 5.80 11.52 -10.38
CA LEU A 28 6.20 12.89 -10.62
C LEU A 28 7.69 13.02 -10.38
N PRO A 29 8.46 13.58 -11.30
CA PRO A 29 9.87 13.85 -11.10
C PRO A 29 10.05 14.72 -9.89
N TRP A 30 11.04 14.38 -9.09
CA TRP A 30 11.36 15.05 -7.86
C TRP A 30 10.37 14.69 -6.73
N ALA A 31 9.46 13.75 -7.01
CA ALA A 31 8.67 13.16 -5.91
C ALA A 31 9.61 12.16 -5.19
N MET A 32 9.72 12.24 -3.84
CA MET A 32 10.66 11.35 -3.16
C MET A 32 10.10 10.84 -1.84
N LEU A 33 10.42 9.62 -1.48
CA LEU A 33 10.01 9.00 -0.27
C LEU A 33 11.16 8.40 0.50
N LEU A 34 11.32 8.72 1.76
CA LEU A 34 12.27 8.05 2.64
C LEU A 34 11.37 7.13 3.46
N HIS A 35 11.51 5.82 3.40
CA HIS A 35 10.59 4.94 4.16
C HIS A 35 11.36 4.15 5.24
N SER A 36 10.88 4.04 6.51
CA SER A 36 11.66 3.32 7.52
C SER A 36 11.42 1.83 7.54
N GLY A 37 10.86 1.21 6.54
CA GLY A 37 10.65 -0.13 6.12
C GLY A 37 9.69 -0.88 7.06
N TYR A 38 8.98 -0.04 7.84
CA TYR A 38 8.09 -0.54 8.86
C TYR A 38 9.03 -1.17 9.88
N ALA A 39 10.31 -0.86 9.97
CA ALA A 39 11.20 -1.51 10.96
C ALA A 39 10.96 -0.99 12.37
N ASP A 40 11.13 -1.83 13.39
CA ASP A 40 10.76 -1.48 14.77
C ASP A 40 11.79 -0.66 15.54
N HIS A 41 12.70 0.21 15.15
CA HIS A 41 13.65 0.84 16.07
C HIS A 41 13.66 2.34 16.25
N PRO A 42 14.45 3.06 17.04
CA PRO A 42 14.40 4.51 17.11
C PRO A 42 14.89 5.16 15.84
N TYR A 43 15.69 4.30 15.14
CA TYR A 43 16.22 4.98 13.93
C TYR A 43 15.40 4.67 12.68
N SER A 44 14.26 4.03 12.93
CA SER A 44 13.29 3.69 11.89
C SER A 44 11.92 4.15 12.35
N ARG A 45 11.91 5.28 13.03
CA ARG A 45 10.72 5.94 13.48
C ARG A 45 9.92 6.70 12.39
N PHE A 46 10.55 7.32 11.39
CA PHE A 46 9.88 8.13 10.40
C PHE A 46 9.88 7.72 8.93
N ASP A 47 8.77 8.17 8.30
CA ASP A 47 8.67 8.09 6.85
C ASP A 47 8.54 9.60 6.42
N ILE A 48 9.17 9.95 5.31
CA ILE A 48 9.13 11.35 4.87
C ILE A 48 8.70 11.40 3.41
N VAL A 49 7.73 12.23 3.07
CA VAL A 49 7.40 12.27 1.68
C VAL A 49 7.53 13.70 1.20
N VAL A 50 8.15 13.96 0.03
CA VAL A 50 8.23 15.32 -0.49
C VAL A 50 7.91 15.29 -1.99
N ALA A 51 7.56 16.40 -2.62
CA ALA A 51 7.36 16.46 -4.06
C ALA A 51 7.31 17.93 -4.46
N GLU A 52 7.33 18.16 -5.78
CA GLU A 52 7.22 19.57 -6.16
C GLU A 52 8.16 20.50 -5.51
N PRO A 53 9.43 20.30 -5.74
CA PRO A 53 10.40 21.22 -5.17
C PRO A 53 10.31 22.66 -5.63
N ILE A 54 10.64 23.69 -4.88
CA ILE A 54 10.66 25.06 -5.37
C ILE A 54 11.94 25.27 -6.15
N CYS A 55 12.91 24.35 -5.94
CA CYS A 55 14.20 24.58 -6.61
C CYS A 55 14.88 23.27 -6.82
N THR A 56 15.59 22.96 -7.89
CA THR A 56 16.28 21.69 -7.93
C THR A 56 17.76 21.92 -8.28
N LEU A 57 18.61 20.98 -7.93
CA LEU A 57 20.06 20.95 -8.18
C LEU A 57 20.39 19.58 -8.76
N THR A 58 20.94 19.67 -9.94
CA THR A 58 21.33 18.53 -10.73
C THR A 58 22.84 18.67 -11.05
N THR A 59 23.68 17.75 -10.50
CA THR A 59 25.07 17.76 -10.83
C THR A 59 25.42 16.59 -11.76
N PHE A 60 26.14 16.94 -12.81
CA PHE A 60 26.63 15.90 -13.70
C PHE A 60 28.09 16.32 -13.85
N GLY A 61 28.96 15.51 -13.32
CA GLY A 61 30.40 15.83 -13.30
C GLY A 61 30.72 17.16 -12.72
N LYS A 62 31.38 18.05 -13.54
CA LYS A 62 31.80 19.32 -13.02
C LYS A 62 30.67 20.33 -12.99
N GLU A 63 29.55 19.94 -13.65
CA GLU A 63 28.54 21.03 -13.56
C GLU A 63 27.29 20.73 -12.75
N THR A 64 26.92 21.83 -12.06
CA THR A 64 25.66 21.79 -11.35
C THR A 64 24.68 22.86 -11.88
N VAL A 65 23.57 22.31 -12.26
CA VAL A 65 22.44 23.10 -12.75
C VAL A 65 21.44 23.36 -11.65
N VAL A 66 21.22 24.57 -11.23
CA VAL A 66 20.36 24.99 -10.19
C VAL A 66 19.14 25.56 -10.89
N SER A 67 18.01 24.92 -10.74
CA SER A 67 16.84 25.44 -11.47
C SER A 67 15.67 25.72 -10.54
N GLU A 68 15.11 26.91 -10.81
CA GLU A 68 14.06 27.51 -10.02
C GLU A 68 13.16 28.34 -10.95
N SER A 69 12.05 27.65 -11.11
CA SER A 69 10.97 28.17 -11.95
C SER A 69 11.51 28.40 -13.32
N GLU A 70 11.53 29.66 -13.73
CA GLU A 70 12.00 29.86 -15.08
C GLU A 70 13.51 30.12 -15.00
N LYS A 71 13.99 30.30 -13.77
CA LYS A 71 15.44 30.58 -13.79
C LYS A 71 16.27 29.33 -13.71
N ARG A 72 17.36 29.41 -14.44
CA ARG A 72 18.30 28.28 -14.54
C ARG A 72 19.74 28.80 -14.55
N THR A 73 20.57 28.27 -13.68
CA THR A 73 21.90 28.62 -13.33
C THR A 73 22.81 27.44 -13.42
N THR A 74 24.00 27.61 -13.95
CA THR A 74 24.91 26.44 -14.10
C THR A 74 26.16 26.83 -13.38
N THR A 75 26.82 25.93 -12.64
CA THR A 75 28.02 26.43 -12.01
C THR A 75 28.96 25.27 -11.79
N THR A 76 30.23 25.61 -11.66
CA THR A 76 31.18 24.50 -11.48
C THR A 76 31.61 24.45 -10.03
N ASP A 77 31.02 25.27 -9.16
CA ASP A 77 31.38 25.29 -7.75
C ASP A 77 31.08 23.93 -7.09
N ASP A 78 31.71 23.68 -5.96
CA ASP A 78 31.44 22.50 -5.14
C ASP A 78 29.93 22.37 -4.94
N PRO A 79 29.49 21.25 -5.43
CA PRO A 79 28.02 21.10 -5.47
C PRO A 79 27.45 21.16 -4.03
N LEU A 80 28.23 20.75 -3.01
CA LEU A 80 27.63 20.80 -1.63
C LEU A 80 27.63 22.19 -1.13
N GLN A 81 28.68 22.91 -1.60
CA GLN A 81 28.62 24.32 -1.21
C GLN A 81 27.52 25.08 -1.91
N VAL A 82 27.33 24.72 -3.20
CA VAL A 82 26.24 25.31 -3.97
C VAL A 82 24.91 24.96 -3.26
N LEU A 83 24.77 23.69 -2.85
CA LEU A 83 23.57 23.24 -2.06
C LEU A 83 23.42 24.14 -0.82
N GLN A 84 24.54 24.27 -0.03
CA GLN A 84 24.52 25.09 1.18
C GLN A 84 24.06 26.55 0.90
N GLN A 85 24.47 27.24 -0.17
CA GLN A 85 24.11 28.62 -0.51
C GLN A 85 22.61 28.67 -0.83
N VAL A 86 22.23 27.61 -1.60
CA VAL A 86 20.76 27.59 -1.94
C VAL A 86 20.02 27.48 -0.64
N LEU A 87 20.49 26.61 0.26
CA LEU A 87 19.67 26.51 1.47
C LEU A 87 19.67 27.80 2.26
N ASP A 88 20.89 28.39 2.23
CA ASP A 88 21.01 29.54 3.07
C ASP A 88 20.17 30.72 2.57
N ARG A 89 20.21 30.79 1.27
CA ARG A 89 19.48 31.88 0.68
C ARG A 89 17.98 31.71 0.98
N ALA A 90 17.48 30.50 1.33
CA ALA A 90 16.04 30.50 1.54
C ALA A 90 15.70 31.29 2.78
N ASP A 91 16.66 31.49 3.65
CA ASP A 91 16.44 32.24 4.88
C ASP A 91 15.35 31.57 5.69
N ILE A 92 15.39 30.26 5.73
CA ILE A 92 14.34 29.65 6.52
C ILE A 92 15.06 28.88 7.57
N ARG A 93 14.92 29.14 8.83
CA ARG A 93 15.64 28.47 9.88
C ARG A 93 14.90 28.25 11.14
N PRO A 94 14.06 27.24 11.10
CA PRO A 94 13.22 26.98 12.29
C PRO A 94 13.98 26.22 13.31
N THR A 95 13.48 26.19 14.51
CA THR A 95 14.12 25.45 15.58
C THR A 95 14.10 23.97 15.40
N HIS A 96 15.09 23.20 15.82
CA HIS A 96 15.00 21.77 15.67
C HIS A 96 13.72 21.24 16.28
N ASN A 97 13.06 20.16 15.81
CA ASN A 97 11.86 19.66 16.40
C ASN A 97 11.98 18.14 16.24
N GLU A 98 12.11 17.49 17.38
CA GLU A 98 12.35 16.05 17.32
C GLU A 98 11.14 15.35 16.70
N ASP A 99 9.95 15.95 16.77
CA ASP A 99 8.87 15.30 16.02
C ASP A 99 8.84 15.56 14.49
N LEU A 100 9.69 16.47 14.04
CA LEU A 100 9.73 16.86 12.61
C LEU A 100 11.19 16.87 12.21
N PRO A 101 11.76 15.72 11.94
CA PRO A 101 13.18 15.62 11.66
C PRO A 101 13.54 16.41 10.44
N PHE A 102 12.60 16.45 9.47
CA PHE A 102 12.89 17.23 8.29
C PHE A 102 11.87 18.32 8.16
N GLN A 103 12.18 19.60 8.19
CA GLN A 103 11.18 20.67 8.14
C GLN A 103 11.27 21.47 6.88
N GLY A 104 11.21 20.75 5.77
CA GLY A 104 11.49 21.34 4.46
C GLY A 104 13.07 21.40 4.53
N GLY A 105 13.60 21.63 3.33
CA GLY A 105 15.02 21.82 2.97
C GLY A 105 15.33 20.94 1.76
N ALA A 106 16.56 20.40 1.77
CA ALA A 106 17.04 19.60 0.64
C ALA A 106 16.80 18.15 0.85
N LEU A 107 16.46 17.46 -0.23
CA LEU A 107 16.34 16.03 0.03
C LEU A 107 16.65 15.45 -1.33
N GLY A 108 17.34 14.31 -1.36
CA GLY A 108 17.65 13.69 -2.64
C GLY A 108 18.81 12.76 -2.66
N LEU A 109 19.40 12.64 -3.87
CA LEU A 109 20.45 11.65 -4.00
C LEU A 109 21.83 12.25 -4.10
N PHE A 110 22.71 11.58 -3.40
CA PHE A 110 24.14 12.01 -3.49
C PHE A 110 24.77 10.81 -4.15
N GLY A 111 25.06 10.78 -5.43
CA GLY A 111 25.51 9.49 -6.00
C GLY A 111 27.00 9.30 -5.66
N TYR A 112 27.44 8.04 -5.68
CA TYR A 112 28.82 7.73 -5.37
C TYR A 112 29.80 8.56 -6.21
N ASP A 113 29.62 8.73 -7.51
CA ASP A 113 30.62 9.49 -8.37
C ASP A 113 30.66 10.93 -7.97
N LEU A 114 29.70 11.39 -7.08
CA LEU A 114 29.89 12.77 -6.64
C LEU A 114 31.15 12.88 -5.83
N GLY A 115 31.72 11.78 -5.27
CA GLY A 115 32.92 12.04 -4.40
C GLY A 115 34.05 12.53 -5.26
N ARG A 116 33.99 12.34 -6.60
CA ARG A 116 35.09 12.82 -7.45
C ARG A 116 35.14 14.31 -7.45
N ARG A 117 34.14 15.00 -6.93
CA ARG A 117 34.23 16.45 -6.86
C ARG A 117 34.94 16.93 -5.63
N PHE A 118 35.24 15.99 -4.71
CA PHE A 118 35.90 16.23 -3.46
C PHE A 118 37.25 15.53 -3.29
N GLU A 119 37.59 14.50 -4.01
CA GLU A 119 38.66 13.60 -3.98
C GLU A 119 39.13 13.49 -5.42
N SER A 120 40.42 13.68 -5.60
CA SER A 120 40.82 13.53 -6.98
C SER A 120 41.20 12.15 -7.44
N LEU A 121 40.59 11.57 -8.50
CA LEU A 121 41.19 10.25 -8.77
C LEU A 121 40.93 9.95 -10.26
N PRO A 122 41.70 9.06 -10.90
CA PRO A 122 41.42 8.61 -12.25
C PRO A 122 40.00 8.07 -12.30
N GLU A 123 39.54 8.01 -13.49
CA GLU A 123 38.30 7.64 -14.05
C GLU A 123 38.46 6.59 -15.11
N ILE A 124 38.43 5.31 -14.74
CA ILE A 124 38.69 4.30 -15.72
C ILE A 124 37.42 3.54 -15.98
N ALA A 125 36.63 3.34 -14.91
CA ALA A 125 35.41 2.54 -15.20
C ALA A 125 34.48 3.21 -16.19
N GLU A 126 33.59 2.39 -16.80
CA GLU A 126 32.76 3.11 -17.78
C GLU A 126 31.48 3.76 -17.28
N GLN A 127 31.19 4.95 -17.77
CA GLN A 127 29.95 5.58 -17.43
C GLN A 127 28.83 5.03 -18.27
N ASP A 128 28.25 3.86 -18.03
CA ASP A 128 27.11 3.49 -18.85
C ASP A 128 25.74 3.82 -18.26
N ILE A 129 25.58 4.60 -17.19
CA ILE A 129 24.30 4.98 -16.56
C ILE A 129 24.34 6.50 -16.55
N VAL A 130 23.40 7.17 -17.16
CA VAL A 130 23.30 8.62 -17.17
C VAL A 130 22.20 8.99 -16.17
N LEU A 131 22.64 9.40 -14.99
CA LEU A 131 21.75 9.73 -13.83
C LEU A 131 22.66 10.63 -13.02
N PRO A 132 22.17 11.76 -12.56
CA PRO A 132 23.01 12.79 -11.94
C PRO A 132 23.86 12.27 -10.78
N ASP A 133 25.04 12.83 -10.60
CA ASP A 133 25.79 12.59 -9.41
C ASP A 133 25.19 13.21 -8.15
N MET A 134 24.34 14.23 -8.35
CA MET A 134 23.57 14.86 -7.27
C MET A 134 22.25 15.25 -7.92
N ALA A 135 21.20 14.78 -7.27
CA ALA A 135 19.83 15.07 -7.72
C ALA A 135 19.10 15.38 -6.42
N VAL A 136 19.02 16.72 -6.29
CA VAL A 136 18.45 17.09 -5.04
C VAL A 136 17.44 18.19 -5.20
N GLY A 137 16.35 18.04 -4.48
CA GLY A 137 15.32 19.07 -4.50
C GLY A 137 15.34 19.81 -3.16
N ILE A 138 14.88 21.09 -3.24
CA ILE A 138 14.66 22.00 -2.16
C ILE A 138 13.11 22.04 -1.99
N TYR A 139 12.69 21.58 -0.84
CA TYR A 139 11.27 21.52 -0.56
C TYR A 139 10.86 22.42 0.56
N ASP A 140 9.78 23.13 0.30
CA ASP A 140 9.30 23.98 1.39
C ASP A 140 8.24 23.31 2.21
N TRP A 141 8.09 22.03 1.92
CA TRP A 141 7.06 21.31 2.72
C TRP A 141 7.38 19.87 2.85
N ALA A 142 6.63 19.10 3.65
CA ALA A 142 6.82 17.71 3.73
C ALA A 142 5.63 17.05 4.44
N LEU A 143 5.49 15.74 4.14
CA LEU A 143 4.58 14.87 4.80
C LEU A 143 5.47 13.97 5.71
N ILE A 144 5.18 14.01 7.01
CA ILE A 144 5.97 13.23 7.97
C ILE A 144 5.16 12.12 8.60
N VAL A 145 5.53 10.89 8.47
CA VAL A 145 4.82 9.78 9.12
C VAL A 145 5.61 9.30 10.35
N ASP A 146 5.07 9.42 11.54
CA ASP A 146 5.73 9.13 12.81
C ASP A 146 5.15 7.85 13.44
N HIS A 147 5.94 6.78 13.36
CA HIS A 147 5.59 5.45 13.85
C HIS A 147 5.68 5.36 15.36
N GLN A 148 6.36 6.32 16.02
CA GLN A 148 6.33 6.23 17.47
C GLN A 148 5.10 6.97 17.98
N ARG A 149 4.76 8.12 17.41
CA ARG A 149 3.53 8.79 17.85
C ARG A 149 2.26 8.32 17.12
N HIS A 150 2.39 7.59 16.01
CA HIS A 150 1.18 7.20 15.29
C HIS A 150 0.59 8.47 14.83
N THR A 151 1.44 9.32 14.24
CA THR A 151 0.81 10.49 13.69
C THR A 151 1.32 10.74 12.26
N VAL A 152 0.51 11.37 11.48
CA VAL A 152 0.71 11.82 10.11
C VAL A 152 0.69 13.37 10.14
N SER A 153 1.83 13.98 9.85
CA SER A 153 1.99 15.44 9.92
C SER A 153 2.39 15.94 8.53
N LEU A 154 1.61 16.88 8.05
CA LEU A 154 1.85 17.62 6.85
C LEU A 154 2.24 19.01 7.28
N LEU A 155 3.44 19.33 6.75
CA LEU A 155 3.97 20.65 7.17
C LEU A 155 4.38 21.47 5.96
N SER A 156 4.38 22.79 6.16
CA SER A 156 4.82 23.69 5.11
C SER A 156 5.22 25.06 5.63
N HIS A 157 6.25 25.67 5.05
CA HIS A 157 6.74 27.03 5.34
C HIS A 157 5.94 28.04 4.50
N ASN A 158 5.16 27.52 3.55
CA ASN A 158 4.21 28.28 2.73
C ASN A 158 2.79 27.93 3.26
N ASP A 159 1.78 27.90 2.39
CA ASP A 159 0.38 27.65 2.87
C ASP A 159 0.12 26.16 3.01
N VAL A 160 0.06 25.74 4.27
CA VAL A 160 -0.04 24.34 4.46
C VAL A 160 -1.44 23.92 4.01
N ASN A 161 -2.42 24.84 4.06
CA ASN A 161 -3.78 24.35 3.60
C ASN A 161 -3.86 24.09 2.15
N ALA A 162 -3.10 25.02 1.44
CA ALA A 162 -3.08 24.86 -0.02
C ALA A 162 -2.21 23.65 -0.38
N ARG A 163 -1.19 23.31 0.45
CA ARG A 163 -0.40 22.14 0.08
C ARG A 163 -1.31 20.95 0.32
N ARG A 164 -2.14 21.01 1.38
CA ARG A 164 -3.02 19.84 1.65
C ARG A 164 -4.02 19.55 0.56
N ALA A 165 -4.67 20.69 0.20
CA ALA A 165 -5.67 20.55 -0.88
C ALA A 165 -4.99 20.00 -2.11
N TRP A 166 -3.71 20.48 -2.43
CA TRP A 166 -3.07 19.90 -3.61
C TRP A 166 -2.86 18.38 -3.49
N LEU A 167 -2.36 17.98 -2.27
CA LEU A 167 -1.98 16.62 -2.11
C LEU A 167 -3.25 15.77 -2.13
N GLU A 168 -4.33 16.28 -1.58
CA GLU A 168 -5.53 15.38 -1.53
C GLU A 168 -6.32 15.38 -2.79
N SER A 169 -5.80 16.11 -3.80
CA SER A 169 -6.55 16.08 -5.07
C SER A 169 -5.86 15.23 -6.09
N GLN A 170 -4.65 14.76 -5.71
CA GLN A 170 -3.90 13.92 -6.61
C GLN A 170 -4.71 12.62 -6.71
N GLN A 171 -4.88 12.15 -7.98
CA GLN A 171 -5.75 10.96 -8.03
C GLN A 171 -4.94 9.70 -8.01
N PHE A 172 -5.45 8.55 -7.50
CA PHE A 172 -4.61 7.34 -7.63
C PHE A 172 -4.56 6.82 -9.08
N SER A 173 -3.55 7.12 -9.90
CA SER A 173 -3.70 6.46 -11.21
C SER A 173 -3.29 4.98 -11.22
N PRO A 174 -3.89 4.27 -12.16
CA PRO A 174 -3.51 2.88 -12.46
C PRO A 174 -2.06 2.95 -13.03
N GLN A 175 -1.32 1.89 -12.75
CA GLN A 175 0.07 1.53 -12.97
C GLN A 175 0.30 0.15 -13.63
N GLU A 176 1.15 0.11 -14.68
CA GLU A 176 1.53 -1.12 -15.37
C GLU A 176 2.29 -1.99 -14.34
N ASP A 177 1.79 -3.19 -14.06
CA ASP A 177 2.41 -4.15 -13.20
C ASP A 177 3.89 -4.29 -13.50
N PHE A 178 4.57 -4.52 -12.36
CA PHE A 178 5.98 -4.58 -12.70
C PHE A 178 6.47 -5.93 -13.16
N THR A 179 7.28 -5.99 -14.21
CA THR A 179 7.79 -7.34 -14.42
C THR A 179 9.17 -7.36 -14.97
N LEU A 180 9.86 -8.31 -14.33
CA LEU A 180 11.21 -8.41 -14.94
C LEU A 180 11.23 -8.87 -16.36
N THR A 181 11.88 -8.31 -17.37
CA THR A 181 11.68 -9.15 -18.55
C THR A 181 12.90 -9.92 -19.01
N SER A 182 13.73 -10.37 -18.06
CA SER A 182 14.91 -11.12 -18.49
C SER A 182 15.50 -11.59 -17.20
N ASP A 183 16.48 -12.44 -17.42
CA ASP A 183 17.19 -12.96 -16.27
C ASP A 183 18.24 -11.87 -15.92
N TRP A 184 18.59 -12.01 -14.66
CA TRP A 184 19.66 -11.18 -14.12
C TRP A 184 20.99 -11.66 -14.63
N GLN A 185 21.83 -10.80 -15.06
CA GLN A 185 23.19 -11.02 -15.60
C GLN A 185 24.19 -10.11 -14.87
N SER A 186 25.25 -10.71 -14.30
CA SER A 186 26.31 -10.01 -13.60
C SER A 186 27.14 -9.28 -14.66
N ASN A 187 27.84 -8.18 -14.39
CA ASN A 187 28.72 -7.46 -15.23
C ASN A 187 30.10 -8.20 -15.13
N MET A 188 30.11 -9.34 -14.45
CA MET A 188 31.38 -10.06 -14.46
C MET A 188 31.11 -11.50 -14.10
N THR A 189 32.04 -12.26 -14.78
CA THR A 189 31.98 -13.71 -14.53
C THR A 189 32.68 -14.03 -13.23
N ARG A 190 32.45 -15.26 -12.78
CA ARG A 190 33.09 -15.72 -11.55
C ARG A 190 34.60 -15.53 -11.62
N GLU A 191 35.05 -15.82 -12.83
CA GLU A 191 36.42 -15.85 -13.15
C GLU A 191 37.02 -14.51 -13.27
N GLN A 192 36.18 -13.60 -13.78
CA GLN A 192 36.70 -12.24 -13.88
C GLN A 192 36.80 -11.62 -12.46
N TYR A 193 35.80 -12.09 -11.70
CA TYR A 193 35.66 -11.68 -10.34
C TYR A 193 36.97 -12.14 -9.66
N GLY A 194 37.26 -13.41 -9.84
CA GLY A 194 38.42 -14.06 -9.20
C GLY A 194 39.62 -13.25 -9.62
N GLU A 195 39.68 -12.81 -10.89
CA GLU A 195 40.83 -12.00 -11.17
C GLU A 195 40.94 -10.67 -10.39
N LYS A 196 39.81 -10.03 -10.26
CA LYS A 196 39.84 -8.68 -9.61
C LYS A 196 40.14 -8.89 -8.11
N PHE A 197 39.52 -9.95 -7.58
CA PHE A 197 39.76 -10.30 -6.22
C PHE A 197 41.29 -10.45 -6.01
N ARG A 198 42.02 -11.18 -6.82
CA ARG A 198 43.46 -11.49 -6.71
C ARG A 198 44.25 -10.21 -6.87
N GLN A 199 43.68 -9.32 -7.74
CA GLN A 199 44.33 -8.05 -7.95
C GLN A 199 44.19 -7.24 -6.62
N VAL A 200 43.01 -7.25 -5.97
CA VAL A 200 42.93 -6.50 -4.74
C VAL A 200 43.95 -7.13 -3.76
N GLN A 201 44.12 -8.43 -3.64
CA GLN A 201 45.07 -9.10 -2.72
C GLN A 201 46.50 -8.80 -3.12
N GLU A 202 46.84 -8.58 -4.40
CA GLU A 202 48.19 -8.08 -4.74
C GLU A 202 48.47 -6.75 -4.09
N TYR A 203 47.54 -5.78 -4.23
CA TYR A 203 47.61 -4.54 -3.55
C TYR A 203 47.73 -4.66 -2.05
N LEU A 204 46.95 -5.57 -1.45
CA LEU A 204 47.05 -5.65 -0.01
C LEU A 204 48.42 -6.21 0.36
N HIS A 205 48.83 -7.23 -0.38
CA HIS A 205 50.11 -7.88 -0.14
C HIS A 205 51.24 -6.86 -0.19
N SER A 206 51.11 -5.91 -1.11
CA SER A 206 52.12 -4.86 -1.32
C SER A 206 52.01 -3.70 -0.38
N GLY A 207 50.97 -3.85 0.47
CA GLY A 207 50.89 -2.75 1.45
C GLY A 207 50.19 -1.64 0.77
N ASP A 208 49.51 -1.80 -0.36
CA ASP A 208 48.94 -0.56 -0.90
C ASP A 208 47.57 -0.25 -0.33
N CYS A 209 46.81 -1.03 0.37
CA CYS A 209 45.55 -0.67 0.98
C CYS A 209 45.37 -1.62 2.16
N TYR A 210 44.45 -1.49 3.07
CA TYR A 210 44.15 -2.49 4.03
C TYR A 210 42.82 -3.17 3.75
N GLN A 211 41.99 -2.49 2.95
CA GLN A 211 40.71 -3.09 2.65
C GLN A 211 40.09 -2.46 1.44
N VAL A 212 39.53 -3.29 0.55
CA VAL A 212 38.83 -2.75 -0.60
C VAL A 212 37.47 -3.40 -0.80
N ASN A 213 36.43 -2.57 -0.95
CA ASN A 213 35.06 -3.05 -1.19
C ASN A 213 34.92 -3.24 -2.69
N LEU A 214 34.97 -4.44 -3.25
CA LEU A 214 34.89 -4.74 -4.65
C LEU A 214 33.48 -5.22 -4.94
N ALA A 215 32.71 -4.71 -5.90
CA ALA A 215 31.34 -5.13 -6.07
C ALA A 215 31.00 -5.69 -7.39
N GLN A 216 30.04 -6.57 -7.58
CA GLN A 216 29.78 -6.79 -9.00
C GLN A 216 28.40 -6.18 -9.24
N ARG A 217 27.89 -5.99 -10.44
CA ARG A 217 26.53 -5.46 -10.67
C ARG A 217 25.57 -6.37 -11.39
N PHE A 218 24.37 -6.71 -10.95
CA PHE A 218 23.45 -7.52 -11.67
C PHE A 218 22.56 -6.71 -12.55
N HIS A 219 22.15 -7.09 -13.74
CA HIS A 219 21.35 -6.24 -14.66
C HIS A 219 20.23 -7.13 -15.22
N ALA A 220 19.09 -6.50 -15.49
CA ALA A 220 17.92 -7.24 -16.03
C ALA A 220 17.10 -6.18 -16.79
N THR A 221 16.09 -6.70 -17.47
CA THR A 221 15.25 -5.78 -18.20
C THR A 221 13.94 -5.86 -17.49
N TYR A 222 13.07 -4.86 -17.68
CA TYR A 222 11.83 -5.02 -16.91
C TYR A 222 10.82 -4.18 -17.67
N SER A 223 9.59 -4.46 -17.30
CA SER A 223 8.58 -3.55 -17.79
C SER A 223 7.62 -3.27 -16.63
N GLY A 224 6.84 -2.17 -16.78
CA GLY A 224 5.92 -2.00 -15.64
C GLY A 224 6.43 -0.85 -14.74
N ASP A 225 5.63 -0.60 -13.72
CA ASP A 225 5.69 0.48 -12.77
C ASP A 225 6.74 0.16 -11.68
N GLU A 226 7.74 1.03 -11.81
CA GLU A 226 8.79 0.75 -10.73
C GLU A 226 8.32 0.93 -9.29
N TRP A 227 7.26 1.74 -9.10
CA TRP A 227 6.72 1.82 -7.75
C TRP A 227 6.27 0.49 -7.26
N GLN A 228 5.76 -0.30 -8.26
CA GLN A 228 5.29 -1.64 -7.89
C GLN A 228 6.45 -2.56 -7.48
N ALA A 229 7.59 -2.47 -8.16
CA ALA A 229 8.73 -3.28 -7.66
C ALA A 229 9.01 -2.87 -6.24
N PHE A 230 8.95 -1.49 -6.09
CA PHE A 230 9.30 -1.01 -4.73
C PHE A 230 8.38 -1.47 -3.63
N LEU A 231 7.06 -1.43 -3.84
CA LEU A 231 6.20 -1.98 -2.77
C LEU A 231 6.51 -3.41 -2.32
N GLN A 232 6.77 -4.20 -3.38
CA GLN A 232 7.09 -5.56 -3.04
C GLN A 232 8.47 -5.59 -2.38
N LEU A 233 9.48 -4.86 -2.86
CA LEU A 233 10.71 -5.04 -2.09
C LEU A 233 10.66 -4.53 -0.68
N ASN A 234 10.02 -3.37 -0.53
CA ASN A 234 9.98 -2.76 0.79
C ASN A 234 9.40 -3.69 1.87
N GLN A 235 8.33 -4.38 1.49
CA GLN A 235 7.57 -5.37 2.21
C GLN A 235 8.50 -6.47 2.76
N ALA A 236 9.11 -7.18 1.84
CA ALA A 236 10.09 -8.18 2.06
C ALA A 236 11.29 -7.78 2.89
N ASN A 237 11.79 -6.56 2.65
CA ASN A 237 13.04 -6.24 3.34
C ASN A 237 12.85 -5.45 4.59
N ARG A 238 11.85 -4.59 4.78
CA ARG A 238 11.68 -3.81 6.01
C ARG A 238 13.00 -3.13 6.46
N ALA A 239 13.68 -2.49 5.52
CA ALA A 239 14.98 -1.84 5.81
C ALA A 239 14.69 -0.41 6.26
N PRO A 240 15.31 -0.04 7.39
CA PRO A 240 15.09 1.28 7.97
C PRO A 240 15.63 2.46 7.13
N PHE A 241 16.41 2.32 6.10
CA PHE A 241 16.86 3.53 5.42
C PHE A 241 16.44 3.42 3.95
N SER A 242 15.21 2.89 3.77
CA SER A 242 14.77 2.73 2.37
C SER A 242 14.31 4.00 1.71
N ALA A 243 14.26 3.97 0.37
CA ALA A 243 13.83 5.22 -0.24
C ALA A 243 13.26 4.94 -1.62
N PHE A 244 12.38 5.81 -2.06
CA PHE A 244 11.97 5.66 -3.48
C PHE A 244 12.18 7.06 -4.04
N LEU A 245 13.05 7.24 -5.07
CA LEU A 245 13.23 8.56 -5.59
C LEU A 245 12.70 8.66 -7.03
N ARG A 246 11.80 9.52 -7.42
CA ARG A 246 11.48 9.51 -8.85
C ARG A 246 12.32 10.59 -9.49
N LEU A 247 13.33 10.31 -10.31
CA LEU A 247 14.11 11.44 -10.86
C LEU A 247 13.70 11.75 -12.28
N GLU A 248 14.23 12.79 -12.85
CA GLU A 248 13.96 13.04 -14.23
C GLU A 248 14.53 11.89 -15.06
N GLN A 249 15.62 11.29 -14.57
CA GLN A 249 16.25 10.27 -15.43
C GLN A 249 15.90 8.83 -15.13
N GLY A 250 15.21 8.49 -14.04
CA GLY A 250 14.96 7.11 -13.74
C GLY A 250 14.40 7.12 -12.28
N ALA A 251 14.21 5.96 -11.77
CA ALA A 251 13.74 5.74 -10.45
C ALA A 251 14.83 5.14 -9.57
N ILE A 252 14.99 5.54 -8.31
CA ILE A 252 16.00 4.89 -7.50
C ILE A 252 15.22 4.10 -6.48
N LEU A 253 15.43 2.81 -6.30
CA LEU A 253 14.66 2.00 -5.36
C LEU A 253 15.56 1.59 -4.22
N SER A 254 15.60 2.25 -3.06
CA SER A 254 16.58 1.84 -2.04
C SER A 254 16.00 1.01 -0.94
N LEU A 255 16.56 -0.15 -0.68
CA LEU A 255 16.14 -1.01 0.41
C LEU A 255 17.27 -1.08 1.43
N SER A 256 17.95 0.05 1.52
CA SER A 256 19.04 0.16 2.48
C SER A 256 18.68 0.10 3.95
N PRO A 257 19.39 -0.76 4.64
CA PRO A 257 19.26 -0.78 6.09
C PRO A 257 20.28 0.03 6.82
N GLU A 258 21.13 0.77 6.10
CA GLU A 258 22.20 1.32 6.84
C GLU A 258 22.22 2.83 6.91
N ARG A 259 22.28 3.43 8.05
CA ARG A 259 22.48 4.90 8.09
C ARG A 259 23.91 5.18 7.74
N PHE A 260 24.16 6.33 7.17
CA PHE A 260 25.38 6.89 6.75
C PHE A 260 25.79 7.79 7.89
N ILE A 261 25.20 8.99 7.90
CA ILE A 261 25.45 10.01 8.88
C ILE A 261 24.17 10.77 9.31
N LEU A 262 24.05 10.75 10.60
CA LEU A 262 23.04 11.51 11.32
C LEU A 262 23.73 12.76 11.88
N CYS A 263 23.09 13.90 11.73
CA CYS A 263 23.51 15.15 12.39
C CYS A 263 22.20 15.78 12.96
N ASP A 264 22.01 15.73 14.27
CA ASP A 264 20.82 16.11 14.97
C ASP A 264 21.23 17.03 16.08
N ASN A 265 20.83 18.26 15.84
CA ASN A 265 21.20 19.30 16.80
C ASN A 265 22.68 19.31 17.16
N SER A 266 23.52 19.28 16.11
CA SER A 266 24.96 19.33 16.19
C SER A 266 25.54 18.00 16.68
N GLU A 267 24.64 17.06 17.02
CA GLU A 267 25.29 15.86 17.44
C GLU A 267 25.43 14.88 16.27
N ILE A 268 26.64 14.48 16.01
CA ILE A 268 26.82 13.55 14.88
C ILE A 268 26.78 12.10 15.25
N GLN A 269 26.16 11.25 14.45
CA GLN A 269 26.28 9.84 14.73
C GLN A 269 26.40 9.11 13.43
N THR A 270 27.06 7.98 13.42
CA THR A 270 27.14 7.20 12.16
C THR A 270 26.17 6.03 12.32
N ARG A 271 26.59 4.79 12.22
CA ARG A 271 25.78 3.62 12.28
C ARG A 271 25.08 3.28 13.56
N PRO A 272 23.81 2.99 13.65
CA PRO A 272 23.27 2.58 14.99
C PRO A 272 23.98 1.35 15.52
N ILE A 273 24.31 1.30 16.77
CA ILE A 273 25.00 0.18 17.37
C ILE A 273 24.03 -0.98 17.34
N LYS A 274 24.51 -2.03 16.75
CA LYS A 274 24.24 -3.33 16.21
C LYS A 274 25.14 -3.69 15.01
N ASP A 299 51.33 -4.48 30.76
CA ASP A 299 52.35 -4.17 29.77
C ASP A 299 52.40 -5.12 28.57
N ARG A 300 51.77 -4.80 27.43
CA ARG A 300 51.77 -5.79 26.32
C ARG A 300 51.95 -5.27 24.91
N ALA A 301 52.14 -6.09 23.90
CA ALA A 301 52.26 -5.65 22.49
C ALA A 301 50.99 -6.20 21.78
N GLU A 302 49.89 -5.46 21.71
CA GLU A 302 48.62 -5.78 21.08
C GLU A 302 48.90 -5.97 19.60
N ASN A 303 48.57 -7.16 19.08
CA ASN A 303 48.83 -7.37 17.69
C ASN A 303 47.76 -6.78 16.77
N LEU A 304 46.56 -6.55 17.30
CA LEU A 304 45.45 -6.05 16.51
C LEU A 304 45.18 -4.52 16.59
N MET A 305 44.87 -3.95 15.48
CA MET A 305 44.43 -2.56 15.24
C MET A 305 43.03 -2.64 14.63
N ILE A 306 42.04 -2.05 15.35
CA ILE A 306 40.66 -2.02 14.92
C ILE A 306 40.37 -0.56 14.50
N VAL A 307 39.96 -0.50 13.21
CA VAL A 307 39.78 0.79 12.61
C VAL A 307 38.31 0.90 12.22
N ASP A 308 37.79 2.06 12.58
CA ASP A 308 36.40 2.33 12.14
C ASP A 308 36.66 3.14 10.85
N LEU A 309 36.03 2.60 9.78
CA LEU A 309 36.38 3.19 8.48
C LEU A 309 35.90 4.58 8.23
N MET A 310 35.15 5.17 9.14
CA MET A 310 34.60 6.50 8.99
C MET A 310 35.27 7.32 10.06
N ARG A 311 36.04 6.73 10.98
CA ARG A 311 36.56 7.60 12.08
C ARG A 311 37.37 8.81 11.67
N ASN A 312 38.29 8.55 10.67
CA ASN A 312 39.16 9.71 10.27
C ASN A 312 38.35 10.76 9.58
N ASP A 313 37.35 10.34 8.74
CA ASP A 313 36.53 11.37 8.07
C ASP A 313 35.80 12.20 9.12
N ILE A 314 35.17 11.58 10.11
CA ILE A 314 34.40 12.35 11.06
C ILE A 314 35.33 13.22 11.86
N GLY A 315 36.45 12.58 12.19
CA GLY A 315 37.39 13.38 13.06
C GLY A 315 37.95 14.59 12.38
N ARG A 316 37.91 14.68 11.06
CA ARG A 316 38.43 15.88 10.39
C ARG A 316 37.40 16.95 10.50
N VAL A 317 36.18 16.66 10.93
CA VAL A 317 35.32 17.82 10.92
C VAL A 317 34.72 17.98 12.28
N ALA A 318 34.83 16.89 13.06
CA ALA A 318 34.19 17.11 14.36
C ALA A 318 34.93 18.04 15.27
N VAL A 319 34.25 18.48 16.33
CA VAL A 319 34.83 19.37 17.32
C VAL A 319 35.95 18.55 17.98
N ALA A 320 37.11 19.16 18.15
CA ALA A 320 38.19 18.34 18.71
C ALA A 320 37.87 17.80 20.08
N GLY A 321 38.14 16.53 20.32
CA GLY A 321 37.84 15.90 21.60
C GLY A 321 36.39 15.50 21.69
N SER A 322 35.56 15.76 20.64
CA SER A 322 34.15 15.33 20.83
C SER A 322 33.79 13.95 20.37
N VAL A 323 34.69 13.24 19.65
CA VAL A 323 34.34 11.92 19.15
C VAL A 323 34.27 10.83 20.17
N LYS A 324 33.17 10.08 20.19
CA LYS A 324 33.12 9.00 21.21
C LYS A 324 32.91 7.68 20.49
N VAL A 325 33.54 6.57 20.88
CA VAL A 325 33.29 5.30 20.20
C VAL A 325 33.13 4.35 21.37
N PRO A 326 32.42 3.29 21.13
CA PRO A 326 32.27 2.35 22.21
C PRO A 326 33.47 1.43 22.34
N GLU A 327 33.58 0.83 23.50
CA GLU A 327 34.51 -0.16 24.00
C GLU A 327 34.24 -1.46 23.25
N LEU A 328 35.32 -1.84 22.57
CA LEU A 328 35.05 -3.07 21.81
C LEU A 328 35.72 -4.26 22.53
N PHE A 329 35.10 -5.37 22.13
CA PHE A 329 35.50 -6.69 22.61
C PHE A 329 35.83 -7.64 21.45
N VAL A 330 36.92 -8.41 21.42
CA VAL A 330 37.40 -9.46 20.55
C VAL A 330 37.51 -10.81 21.29
N LEU A 340 26.16 5.11 24.52
CA LEU A 340 26.48 5.31 23.08
C LEU A 340 25.44 4.54 22.27
N VAL A 341 24.79 5.02 21.24
CA VAL A 341 23.84 4.20 20.48
C VAL A 341 24.38 4.05 19.08
N SER A 342 25.60 4.58 18.93
CA SER A 342 26.17 4.51 17.58
C SER A 342 27.65 4.26 17.60
N THR A 343 28.14 3.74 16.45
CA THR A 343 29.57 3.42 16.45
C THR A 343 30.40 4.66 16.56
N ILE A 344 30.00 5.75 15.96
CA ILE A 344 30.73 6.96 16.18
C ILE A 344 29.78 8.09 16.64
N THR A 345 30.11 8.90 17.64
CA THR A 345 29.27 9.99 18.08
C THR A 345 30.19 11.16 18.19
N ALA A 346 29.76 12.34 17.78
CA ALA A 346 30.62 13.46 17.89
C ALA A 346 29.81 14.74 17.82
N GLN A 347 30.50 15.85 17.72
CA GLN A 347 29.85 17.13 17.68
C GLN A 347 30.25 17.97 16.49
N LEU A 348 29.27 18.58 15.87
CA LEU A 348 29.56 19.38 14.65
C LEU A 348 30.09 20.70 15.02
N PRO A 349 31.15 21.31 14.62
CA PRO A 349 31.46 22.68 15.05
C PRO A 349 30.41 23.69 14.66
N GLU A 350 30.18 24.66 15.55
CA GLU A 350 29.16 25.68 15.27
C GLU A 350 29.36 26.39 13.96
N GLN A 351 30.62 26.42 13.52
CA GLN A 351 30.72 27.13 12.27
C GLN A 351 30.57 26.25 11.07
N LEU A 352 30.30 24.97 11.21
CA LEU A 352 30.18 24.14 10.00
C LEU A 352 28.73 23.84 9.76
N HIS A 353 28.43 23.45 8.54
CA HIS A 353 27.11 22.92 8.31
C HIS A 353 27.13 21.41 8.12
N ALA A 354 26.04 20.65 8.25
CA ALA A 354 25.92 19.27 7.97
C ALA A 354 26.46 19.00 6.56
N SER A 355 26.18 19.98 5.68
CA SER A 355 26.61 19.73 4.33
C SER A 355 28.16 19.57 4.31
N ASP A 356 28.83 20.30 5.21
CA ASP A 356 30.31 20.20 5.32
C ASP A 356 30.73 18.82 5.84
N LEU A 357 29.88 18.32 6.74
CA LEU A 357 30.11 17.01 7.35
C LEU A 357 29.90 15.96 6.32
N LEU A 358 28.83 16.15 5.50
CA LEU A 358 28.66 15.17 4.47
C LEU A 358 29.84 15.10 3.48
N ARG A 359 30.32 16.32 3.14
CA ARG A 359 31.42 16.46 2.17
C ARG A 359 32.60 15.65 2.70
N ALA A 360 32.88 15.93 3.98
CA ALA A 360 34.13 15.35 4.51
C ALA A 360 34.11 13.83 4.52
N ALA A 361 32.97 13.16 4.57
CA ALA A 361 32.85 11.74 4.72
C ALA A 361 32.51 11.07 3.40
N PHE A 362 32.44 11.83 2.34
CA PHE A 362 31.87 11.25 1.16
C PHE A 362 32.76 10.68 0.06
N PRO A 363 32.64 9.53 -0.55
CA PRO A 363 31.61 8.51 -0.23
C PRO A 363 32.05 7.73 0.99
N GLY A 364 31.15 6.93 1.54
CA GLY A 364 31.45 6.32 2.82
C GLY A 364 32.62 5.36 2.90
N GLY A 365 33.43 5.60 3.93
CA GLY A 365 34.59 4.79 4.21
C GLY A 365 34.13 3.36 4.26
N SER A 366 32.94 3.06 4.76
CA SER A 366 32.71 1.62 4.93
C SER A 366 32.33 0.97 3.64
N ILE A 367 32.10 1.69 2.53
CA ILE A 367 31.80 0.90 1.31
C ILE A 367 32.88 1.13 0.28
N THR A 368 34.01 1.70 0.66
CA THR A 368 35.11 1.94 -0.22
C THR A 368 36.25 1.11 0.40
N GLY A 369 36.84 1.51 1.53
CA GLY A 369 37.82 0.65 2.20
C GLY A 369 38.80 1.64 2.83
N ALA A 370 40.05 1.21 2.99
CA ALA A 370 41.04 1.97 3.70
C ALA A 370 42.42 1.77 3.11
N PRO A 371 43.16 2.85 2.88
CA PRO A 371 42.86 4.30 2.99
C PRO A 371 41.80 4.55 1.91
N LYS A 372 40.87 5.42 2.24
CA LYS A 372 39.69 5.54 1.40
C LYS A 372 39.97 5.86 -0.06
N VAL A 373 40.71 6.90 -0.22
CA VAL A 373 40.84 7.31 -1.60
C VAL A 373 41.67 6.26 -2.36
N ARG A 374 42.67 5.63 -1.68
CA ARG A 374 43.47 4.67 -2.39
C ARG A 374 42.54 3.57 -2.88
N ALA A 375 41.66 3.14 -1.91
CA ALA A 375 40.66 2.12 -2.16
C ALA A 375 39.72 2.51 -3.33
N MET A 376 39.30 3.79 -3.40
CA MET A 376 38.41 4.29 -4.43
C MET A 376 39.06 4.13 -5.79
N GLU A 377 40.38 4.33 -5.72
CA GLU A 377 41.08 4.22 -6.99
C GLU A 377 41.15 2.78 -7.43
N ILE A 378 41.38 1.93 -6.41
CA ILE A 378 41.40 0.58 -6.90
C ILE A 378 40.05 0.11 -7.35
N ILE A 379 39.03 0.60 -6.64
CA ILE A 379 37.70 0.16 -7.01
C ILE A 379 37.37 0.53 -8.46
N ASP A 380 37.70 1.76 -8.84
CA ASP A 380 37.47 2.30 -10.17
C ASP A 380 38.28 1.56 -11.25
N GLU A 381 39.41 0.93 -10.90
CA GLU A 381 40.26 0.17 -11.76
C GLU A 381 39.70 -1.18 -12.11
N LEU A 382 39.04 -1.81 -11.14
CA LEU A 382 38.52 -3.14 -11.21
C LEU A 382 37.02 -3.34 -11.58
N GLU A 383 36.19 -2.33 -11.21
CA GLU A 383 34.73 -2.36 -11.52
C GLU A 383 34.57 -1.85 -12.93
N PRO A 384 34.04 -2.68 -13.76
CA PRO A 384 33.85 -2.30 -15.19
C PRO A 384 33.07 -1.00 -15.28
N GLN A 385 32.06 -0.90 -14.40
CA GLN A 385 31.42 0.45 -14.57
C GLN A 385 31.41 1.29 -13.32
N ARG A 386 31.18 2.56 -13.50
CA ARG A 386 31.07 3.52 -12.41
C ARG A 386 29.88 3.12 -11.53
N ARG A 387 30.04 3.47 -10.24
CA ARG A 387 28.94 3.03 -9.33
C ARG A 387 27.65 3.89 -9.43
N ASN A 388 27.84 5.10 -9.93
CA ASN A 388 26.65 5.99 -10.04
C ASN A 388 25.91 6.05 -8.69
N ALA A 389 24.62 5.73 -8.62
CA ALA A 389 23.86 5.87 -7.40
C ALA A 389 24.15 4.88 -6.28
N TRP A 390 24.78 3.79 -6.72
CA TRP A 390 24.97 2.69 -5.76
C TRP A 390 26.07 2.95 -4.74
N CYS A 391 25.75 2.75 -3.47
CA CYS A 391 26.76 3.05 -2.48
C CYS A 391 27.05 4.53 -2.39
N GLY A 392 26.16 5.37 -2.92
CA GLY A 392 26.33 6.83 -2.63
C GLY A 392 25.47 6.95 -1.32
N SER A 393 24.69 7.98 -1.26
CA SER A 393 23.87 8.26 -0.08
C SER A 393 22.54 8.92 -0.48
N ILE A 394 21.49 8.55 0.27
CA ILE A 394 20.23 9.26 0.02
C ILE A 394 19.92 10.00 1.33
N GLY A 395 19.36 11.24 1.32
CA GLY A 395 19.08 11.82 2.65
C GLY A 395 18.54 13.25 2.43
N TYR A 396 18.50 13.95 3.56
CA TYR A 396 17.93 15.27 3.61
C TYR A 396 18.84 16.19 4.40
N LEU A 397 18.84 17.48 4.16
CA LEU A 397 19.49 18.57 4.88
C LEU A 397 18.31 19.44 5.22
N SER A 398 17.79 19.29 6.41
CA SER A 398 16.63 20.08 6.74
C SER A 398 16.97 21.54 6.92
N PHE A 399 15.98 22.41 6.67
CA PHE A 399 16.22 23.80 6.98
C PHE A 399 16.54 24.07 8.44
N CYS A 400 16.17 23.24 9.44
CA CYS A 400 16.49 23.50 10.79
C CYS A 400 17.96 23.18 11.01
N GLY A 401 18.66 22.68 10.02
CA GLY A 401 20.11 22.42 10.19
C GLY A 401 20.42 20.94 10.28
N ASN A 402 19.40 20.18 10.68
CA ASN A 402 19.77 18.76 10.77
C ASN A 402 19.90 17.97 9.47
N MET A 403 20.46 16.72 9.69
CA MET A 403 20.63 15.86 8.50
C MET A 403 20.50 14.42 8.85
N ASP A 404 20.01 13.63 7.88
CA ASP A 404 20.02 12.17 8.09
C ASP A 404 20.33 11.62 6.68
N THR A 405 21.13 10.55 6.60
CA THR A 405 21.51 10.06 5.25
C THR A 405 21.72 8.57 5.30
N SER A 406 21.53 7.91 4.18
CA SER A 406 21.72 6.49 4.13
C SER A 406 22.98 6.16 3.35
N ILE A 407 23.46 4.94 3.35
CA ILE A 407 24.50 4.46 2.47
C ILE A 407 23.72 3.69 1.39
N THR A 408 23.75 3.95 0.09
CA THR A 408 22.82 3.17 -0.79
C THR A 408 23.34 1.84 -1.30
N ILE A 409 23.47 0.94 -0.37
CA ILE A 409 23.66 -0.47 -0.60
C ILE A 409 22.22 -0.99 -0.85
N ARG A 410 22.09 -2.21 -1.35
CA ARG A 410 20.78 -2.82 -1.59
C ARG A 410 19.87 -1.80 -2.29
N THR A 411 20.40 -1.14 -3.32
CA THR A 411 19.70 -0.11 -4.00
C THR A 411 19.69 -0.39 -5.46
N LEU A 412 18.54 -0.40 -6.11
CA LEU A 412 18.37 -0.64 -7.59
C LEU A 412 18.17 0.64 -8.31
N THR A 413 18.65 0.70 -9.52
CA THR A 413 18.56 1.84 -10.38
C THR A 413 17.67 1.37 -11.55
N ALA A 414 16.56 2.04 -11.82
CA ALA A 414 15.57 1.61 -12.87
C ALA A 414 15.50 2.71 -13.89
N ILE A 415 15.94 2.40 -15.13
CA ILE A 415 16.07 3.40 -16.17
C ILE A 415 15.87 2.91 -17.61
N ASN A 416 14.89 3.33 -18.39
CA ASN A 416 14.86 2.77 -19.76
C ASN A 416 14.57 1.28 -19.70
N GLY A 417 13.66 0.81 -18.87
CA GLY A 417 13.50 -0.63 -18.82
C GLY A 417 14.74 -1.45 -18.52
N GLN A 418 15.83 -0.88 -18.04
CA GLN A 418 16.98 -1.56 -17.50
C GLN A 418 16.98 -1.40 -15.97
N ILE A 419 17.17 -2.49 -15.24
CA ILE A 419 17.24 -2.24 -13.79
C ILE A 419 18.56 -2.90 -13.35
N PHE A 420 19.20 -2.15 -12.46
CA PHE A 420 20.49 -2.60 -11.90
C PHE A 420 20.46 -2.74 -10.38
N CYS A 421 21.19 -3.69 -9.89
CA CYS A 421 21.38 -3.99 -8.50
C CYS A 421 22.83 -4.49 -8.24
N SER A 422 23.59 -3.73 -7.45
CA SER A 422 25.00 -4.11 -7.21
C SER A 422 25.24 -4.78 -5.86
N ALA A 423 26.39 -5.41 -5.62
CA ALA A 423 26.67 -6.18 -4.45
C ALA A 423 28.20 -6.24 -4.33
N GLY A 424 28.65 -5.97 -3.08
CA GLY A 424 30.11 -5.93 -2.91
C GLY A 424 30.48 -6.65 -1.65
N GLY A 425 31.77 -6.71 -1.47
CA GLY A 425 32.18 -7.37 -0.21
C GLY A 425 33.56 -6.72 0.10
N GLY A 426 33.81 -6.39 1.38
CA GLY A 426 35.09 -5.72 1.80
C GLY A 426 36.17 -6.77 1.79
N ILE A 427 37.14 -6.63 0.89
CA ILE A 427 38.20 -7.61 0.88
C ILE A 427 39.39 -7.25 1.76
N VAL A 428 39.84 -8.12 2.63
CA VAL A 428 41.01 -7.88 3.46
C VAL A 428 42.03 -8.99 3.22
N ALA A 429 43.10 -8.79 3.96
CA ALA A 429 44.23 -9.66 3.68
C ALA A 429 43.89 -11.11 3.76
N ASP A 430 42.98 -11.41 4.70
CA ASP A 430 42.79 -12.88 4.85
C ASP A 430 41.52 -13.24 4.20
N SER A 431 40.94 -12.36 3.37
CA SER A 431 39.70 -12.92 2.77
C SER A 431 39.91 -14.10 1.82
N GLN A 432 38.96 -14.91 1.44
CA GLN A 432 39.07 -16.02 0.48
C GLN A 432 38.14 -15.75 -0.68
N GLU A 433 38.67 -16.02 -1.83
CA GLU A 433 38.06 -15.68 -3.09
C GLU A 433 36.64 -16.21 -3.25
N GLU A 434 36.47 -17.50 -3.06
CA GLU A 434 35.17 -18.06 -3.43
C GLU A 434 34.09 -17.63 -2.48
N ALA A 435 34.46 -17.68 -1.17
CA ALA A 435 33.59 -17.22 -0.12
C ALA A 435 33.10 -15.74 -0.29
N GLU A 436 34.01 -14.92 -0.78
CA GLU A 436 33.76 -13.53 -1.04
C GLU A 436 32.84 -13.40 -2.24
N TYR A 437 33.12 -14.18 -3.29
CA TYR A 437 32.19 -14.16 -4.43
C TYR A 437 30.77 -14.46 -3.99
N GLN A 438 30.70 -15.59 -3.26
CA GLN A 438 29.42 -15.99 -2.79
C GLN A 438 28.76 -15.03 -1.85
N GLU A 439 29.61 -14.38 -1.08
CA GLU A 439 29.04 -13.39 -0.15
C GLU A 439 28.34 -12.27 -0.96
N THR A 440 28.98 -11.88 -2.09
CA THR A 440 28.34 -10.85 -2.90
C THR A 440 26.90 -11.32 -3.28
N PHE A 441 26.69 -12.53 -3.73
CA PHE A 441 25.29 -12.91 -4.09
C PHE A 441 24.26 -12.87 -2.99
N ASP A 442 24.76 -13.40 -1.87
CA ASP A 442 24.03 -13.49 -0.63
C ASP A 442 23.68 -12.09 -0.18
N LYS A 443 24.50 -11.10 -0.54
CA LYS A 443 23.99 -9.81 -0.09
C LYS A 443 22.69 -9.39 -0.76
N VAL A 444 22.53 -9.85 -2.02
CA VAL A 444 21.34 -9.36 -2.63
C VAL A 444 20.45 -10.45 -3.25
N ASN A 445 20.74 -11.73 -3.11
CA ASN A 445 19.98 -12.77 -3.78
C ASN A 445 18.51 -12.64 -3.47
N ARG A 446 18.18 -12.26 -2.28
CA ARG A 446 16.76 -12.07 -1.94
C ARG A 446 16.11 -10.96 -2.76
N ILE A 447 16.90 -9.86 -2.90
CA ILE A 447 16.23 -8.82 -3.69
C ILE A 447 16.06 -9.34 -5.12
N LEU A 448 17.11 -9.88 -5.67
CA LEU A 448 16.93 -10.33 -7.07
C LEU A 448 15.86 -11.43 -7.21
N LYS A 449 15.93 -12.40 -6.35
CA LYS A 449 14.93 -13.48 -6.56
C LYS A 449 13.56 -12.87 -6.27
N GLN A 450 13.38 -11.99 -5.29
CA GLN A 450 12.06 -11.39 -5.23
C GLN A 450 11.72 -10.78 -6.58
N LEU A 451 12.57 -10.11 -7.28
CA LEU A 451 11.93 -9.59 -8.46
C LEU A 451 11.68 -10.66 -9.52
N GLU A 452 12.09 -11.91 -9.29
CA GLU A 452 11.91 -12.94 -10.34
C GLU A 452 10.52 -13.51 -10.47
N LYS A 453 10.20 -14.04 -9.34
CA LYS A 453 9.22 -14.74 -8.62
C LYS A 453 9.32 -14.12 -7.22
N MET B 1 -47.39 10.13 -2.84
CA MET B 1 -47.07 10.89 -4.04
C MET B 1 -45.61 11.35 -3.97
N LYS B 2 -44.67 10.51 -3.54
CA LYS B 2 -43.26 10.92 -3.49
C LYS B 2 -42.96 11.86 -2.32
N THR B 3 -41.69 12.19 -2.06
CA THR B 3 -41.20 12.96 -0.91
C THR B 3 -40.08 13.92 -1.19
N LEU B 4 -39.88 14.84 -0.24
CA LEU B 4 -38.79 15.74 -0.44
C LEU B 4 -37.40 15.11 -0.57
N SER B 5 -36.61 15.73 -1.44
CA SER B 5 -35.22 15.43 -1.67
C SER B 5 -34.45 15.73 -0.36
N PRO B 6 -33.39 15.06 0.04
CA PRO B 6 -32.70 15.29 1.31
C PRO B 6 -31.90 16.57 1.31
N ALA B 7 -31.61 17.37 2.35
CA ALA B 7 -30.84 18.57 2.00
C ALA B 7 -29.39 18.37 1.77
N VAL B 8 -28.65 19.17 1.02
CA VAL B 8 -27.27 18.74 0.86
C VAL B 8 -26.17 19.68 1.26
N ILE B 9 -25.06 19.27 1.85
CA ILE B 9 -24.01 20.23 2.10
C ILE B 9 -22.84 19.66 1.33
N THR B 10 -22.20 20.61 0.66
CA THR B 10 -21.02 20.22 -0.02
C THR B 10 -19.67 20.44 0.71
N LEU B 11 -18.82 19.39 0.93
CA LEU B 11 -17.70 19.46 1.74
C LEU B 11 -16.41 19.58 0.94
N LEU B 12 -15.29 19.89 1.63
CA LEU B 12 -14.21 20.05 0.63
C LEU B 12 -13.85 18.89 -0.19
N TRP B 13 -13.66 19.16 -1.51
CA TRP B 13 -13.27 18.02 -2.26
C TRP B 13 -11.94 17.40 -1.85
N ARG B 14 -11.82 16.08 -1.65
CA ARG B 14 -10.59 15.38 -1.40
C ARG B 14 -10.74 14.03 -2.10
N GLN B 15 -9.84 13.51 -2.90
CA GLN B 15 -9.96 12.18 -3.48
C GLN B 15 -10.24 11.20 -2.36
N ASP B 16 -9.71 11.40 -1.14
CA ASP B 16 -9.74 10.41 -0.10
C ASP B 16 -10.70 10.76 1.03
N ALA B 17 -11.66 11.55 0.54
CA ALA B 17 -12.53 11.96 1.64
C ALA B 17 -13.25 10.85 2.41
N ALA B 18 -13.54 9.72 1.77
CA ALA B 18 -14.31 8.72 2.46
C ALA B 18 -13.48 8.09 3.61
N GLU B 19 -12.23 7.71 3.32
CA GLU B 19 -11.40 7.09 4.32
C GLU B 19 -11.13 8.16 5.35
N PHE B 20 -10.92 9.38 4.89
CA PHE B 20 -10.67 10.47 5.81
C PHE B 20 -11.75 10.65 6.87
N TYR B 21 -13.00 10.85 6.44
CA TYR B 21 -14.11 11.05 7.34
C TYR B 21 -14.48 9.77 8.09
N PHE B 22 -14.39 8.67 7.30
CA PHE B 22 -14.76 7.42 8.01
C PHE B 22 -13.86 7.16 9.26
N SER B 23 -12.62 7.64 9.27
CA SER B 23 -11.64 7.45 10.32
C SER B 23 -12.25 7.67 11.72
N ARG B 24 -12.91 8.82 11.86
CA ARG B 24 -13.41 9.22 13.18
C ARG B 24 -14.66 8.44 13.53
N LEU B 25 -15.22 7.73 12.55
CA LEU B 25 -16.42 6.93 12.80
C LEU B 25 -16.09 5.45 12.85
N SER B 26 -14.84 5.05 12.63
CA SER B 26 -14.51 3.64 12.38
C SER B 26 -14.76 2.67 13.54
N HIS B 27 -14.79 3.23 14.76
CA HIS B 27 -15.06 2.41 15.94
C HIS B 27 -16.55 2.35 16.23
N LEU B 28 -17.43 3.11 15.61
CA LEU B 28 -18.82 2.89 15.89
C LEU B 28 -19.50 1.73 15.14
N PRO B 29 -20.22 0.92 15.89
CA PRO B 29 -21.04 -0.11 15.34
C PRO B 29 -22.07 0.53 14.46
N TRP B 30 -22.24 -0.21 13.38
CA TRP B 30 -23.14 0.23 12.33
C TRP B 30 -22.61 1.47 11.57
N ALA B 31 -21.36 1.72 11.82
CA ALA B 31 -20.70 2.66 10.91
C ALA B 31 -20.33 1.84 9.64
N MET B 32 -20.61 2.17 8.38
CA MET B 32 -20.33 1.44 7.18
C MET B 32 -19.80 2.37 6.12
N LEU B 33 -18.91 1.73 5.40
CA LEU B 33 -18.23 2.37 4.30
C LEU B 33 -18.34 1.46 3.06
N LEU B 34 -18.86 2.02 2.01
CA LEU B 34 -18.82 1.42 0.70
C LEU B 34 -17.77 2.23 -0.08
N HIS B 35 -16.72 1.59 -0.54
CA HIS B 35 -15.64 2.27 -1.21
C HIS B 35 -15.32 1.68 -2.57
N SER B 36 -15.09 2.56 -3.53
CA SER B 36 -14.79 2.17 -4.92
C SER B 36 -13.33 1.86 -5.13
N GLY B 37 -12.59 1.77 -4.06
CA GLY B 37 -11.26 1.32 -4.03
C GLY B 37 -10.43 2.37 -4.80
N TYR B 38 -10.83 3.57 -5.08
CA TYR B 38 -10.03 4.48 -5.86
C TYR B 38 -9.85 3.93 -7.26
N ALA B 39 -10.71 3.00 -7.69
CA ALA B 39 -10.57 2.46 -9.04
C ALA B 39 -11.08 3.52 -10.01
N ASP B 40 -10.75 3.32 -11.24
CA ASP B 40 -11.17 4.41 -12.18
C ASP B 40 -12.14 3.81 -13.18
N HIS B 41 -13.43 3.93 -13.04
CA HIS B 41 -14.44 3.30 -13.81
C HIS B 41 -15.75 3.90 -13.48
N PRO B 42 -16.65 3.80 -14.41
CA PRO B 42 -18.03 4.33 -14.26
C PRO B 42 -18.72 3.59 -13.17
N TYR B 43 -18.31 2.31 -13.01
CA TYR B 43 -19.00 1.60 -11.90
C TYR B 43 -18.16 1.76 -10.64
N SER B 44 -17.19 2.75 -10.72
CA SER B 44 -16.37 2.96 -9.52
C SER B 44 -16.31 4.45 -9.22
N ARG B 45 -17.45 5.02 -9.53
CA ARG B 45 -17.64 6.44 -9.32
C ARG B 45 -17.83 6.83 -7.86
N PHE B 46 -18.52 6.07 -7.02
CA PHE B 46 -18.78 6.58 -5.69
C PHE B 46 -18.23 5.78 -4.50
N ASP B 47 -18.10 6.59 -3.43
CA ASP B 47 -17.77 6.10 -2.07
C ASP B 47 -18.94 6.55 -1.20
N ILE B 48 -19.36 5.78 -0.23
CA ILE B 48 -20.55 6.09 0.59
C ILE B 48 -20.19 5.74 2.02
N VAL B 49 -20.50 6.69 2.88
CA VAL B 49 -20.26 6.58 4.31
C VAL B 49 -21.57 6.83 5.01
N VAL B 50 -21.92 6.01 6.02
CA VAL B 50 -23.11 6.08 6.83
C VAL B 50 -22.70 5.63 8.26
N ALA B 51 -23.53 6.03 9.21
CA ALA B 51 -23.29 5.64 10.59
C ALA B 51 -24.57 6.11 11.32
N GLU B 52 -24.68 5.69 12.57
CA GLU B 52 -25.84 6.15 13.35
C GLU B 52 -27.17 5.91 12.69
N PRO B 53 -27.46 4.61 12.46
CA PRO B 53 -28.72 4.27 11.84
C PRO B 53 -29.91 4.64 12.74
N ILE B 54 -31.03 4.93 12.12
CA ILE B 54 -32.22 5.22 12.92
C ILE B 54 -32.94 3.94 13.22
N CYS B 55 -32.63 2.86 12.56
CA CYS B 55 -33.22 1.55 12.71
C CYS B 55 -32.29 0.41 12.33
N THR B 56 -32.09 -0.72 12.98
CA THR B 56 -31.26 -1.81 12.49
C THR B 56 -32.07 -3.13 12.41
N LEU B 57 -31.61 -3.94 11.42
CA LEU B 57 -32.21 -5.26 11.22
C LEU B 57 -31.02 -6.22 11.29
N THR B 58 -31.19 -7.22 12.13
CA THR B 58 -30.28 -8.26 12.43
C THR B 58 -30.99 -9.61 12.32
N THR B 59 -30.55 -10.39 11.32
CA THR B 59 -31.12 -11.72 11.16
C THR B 59 -30.16 -12.81 11.56
N PHE B 60 -30.54 -13.79 12.35
CA PHE B 60 -29.72 -14.92 12.68
C PHE B 60 -30.73 -16.05 12.38
N GLY B 61 -30.46 -16.84 11.39
CA GLY B 61 -31.32 -17.90 10.97
C GLY B 61 -32.77 -17.47 10.79
N LYS B 62 -33.69 -18.01 11.64
CA LYS B 62 -35.08 -17.77 11.38
C LYS B 62 -35.74 -16.49 11.84
N GLU B 63 -34.89 -15.87 12.64
CA GLU B 63 -35.41 -14.67 13.27
C GLU B 63 -34.65 -13.41 12.91
N THR B 64 -35.43 -12.36 12.75
CA THR B 64 -34.92 -11.07 12.46
C THR B 64 -35.37 -10.07 13.53
N VAL B 65 -34.42 -9.45 14.16
CA VAL B 65 -34.73 -8.42 15.09
C VAL B 65 -34.57 -7.01 14.57
N VAL B 66 -35.70 -6.34 14.59
CA VAL B 66 -35.83 -4.96 14.20
C VAL B 66 -35.80 -4.09 15.46
N SER B 67 -34.80 -3.25 15.36
CA SER B 67 -34.53 -2.38 16.47
C SER B 67 -34.52 -0.93 16.03
N GLU B 68 -35.40 -0.20 16.66
CA GLU B 68 -35.68 1.22 16.55
C GLU B 68 -35.72 1.89 17.92
N SER B 69 -34.73 2.59 18.41
CA SER B 69 -34.44 3.24 19.69
C SER B 69 -35.40 2.70 20.78
N GLU B 70 -36.65 3.02 20.65
CA GLU B 70 -37.81 2.67 21.42
C GLU B 70 -38.37 1.25 21.27
N LYS B 71 -37.82 0.30 20.55
CA LYS B 71 -38.53 -0.95 20.48
C LYS B 71 -37.73 -2.00 19.74
N ARG B 72 -37.74 -3.24 20.18
CA ARG B 72 -36.95 -4.29 19.53
C ARG B 72 -37.64 -5.52 18.94
N THR B 73 -38.64 -5.44 18.04
CA THR B 73 -39.33 -6.63 17.54
C THR B 73 -38.54 -7.73 16.84
N THR B 74 -39.11 -8.89 17.10
CA THR B 74 -38.59 -10.12 16.50
C THR B 74 -39.61 -10.71 15.56
N THR B 75 -39.21 -11.27 14.42
CA THR B 75 -40.18 -11.77 13.44
C THR B 75 -39.51 -12.90 12.67
N THR B 76 -40.37 -13.82 12.21
CA THR B 76 -39.74 -14.92 11.53
C THR B 76 -40.03 -14.63 10.10
N ASP B 77 -40.62 -13.47 9.78
CA ASP B 77 -40.83 -13.23 8.33
C ASP B 77 -39.55 -13.19 7.49
N ASP B 78 -39.72 -13.30 6.19
CA ASP B 78 -38.72 -13.23 5.16
C ASP B 78 -37.99 -11.87 5.41
N PRO B 79 -36.69 -12.01 5.66
CA PRO B 79 -35.84 -10.86 6.14
C PRO B 79 -35.88 -9.78 5.05
N LEU B 80 -35.98 -10.17 3.75
CA LEU B 80 -35.96 -9.11 2.77
C LEU B 80 -37.33 -8.45 2.73
N GLN B 81 -38.36 -9.16 3.11
CA GLN B 81 -39.67 -8.50 3.15
C GLN B 81 -39.77 -7.54 4.34
N VAL B 82 -39.22 -8.05 5.45
CA VAL B 82 -39.18 -7.25 6.65
C VAL B 82 -38.45 -5.93 6.32
N LEU B 83 -37.33 -6.11 5.60
CA LEU B 83 -36.49 -4.96 5.29
C LEU B 83 -37.32 -3.97 4.50
N GLN B 84 -37.96 -4.54 3.48
CA GLN B 84 -38.77 -3.73 2.59
C GLN B 84 -39.88 -3.00 3.34
N GLN B 85 -40.40 -3.65 4.36
CA GLN B 85 -41.45 -3.02 5.12
C GLN B 85 -40.88 -1.85 5.96
N VAL B 86 -39.78 -2.15 6.66
CA VAL B 86 -39.11 -1.06 7.36
C VAL B 86 -38.89 0.11 6.35
N LEU B 87 -38.31 -0.07 5.17
CA LEU B 87 -38.07 1.03 4.24
C LEU B 87 -39.34 1.79 3.89
N ASP B 88 -40.35 0.96 3.64
CA ASP B 88 -41.63 1.53 3.23
C ASP B 88 -42.22 2.36 4.38
N ARG B 89 -42.11 1.91 5.63
CA ARG B 89 -42.80 2.75 6.60
C ARG B 89 -42.03 4.02 6.87
N ALA B 90 -40.81 4.22 6.42
CA ALA B 90 -40.09 5.44 6.69
C ALA B 90 -40.69 6.61 5.91
N ASP B 91 -41.41 6.16 4.90
CA ASP B 91 -42.04 7.06 3.96
C ASP B 91 -41.06 8.16 3.59
N ILE B 92 -40.00 7.71 2.91
CA ILE B 92 -38.98 8.66 2.44
C ILE B 92 -38.80 8.17 1.01
N ARG B 93 -39.16 9.02 0.04
CA ARG B 93 -39.19 8.63 -1.35
C ARG B 93 -38.71 9.76 -2.22
N PRO B 94 -37.46 10.14 -2.08
CA PRO B 94 -37.07 11.26 -2.96
C PRO B 94 -36.95 10.76 -4.39
N THR B 95 -36.86 11.72 -5.29
CA THR B 95 -36.64 11.37 -6.67
C THR B 95 -35.23 10.88 -6.93
N HIS B 96 -35.06 9.94 -7.86
CA HIS B 96 -33.85 9.33 -8.35
C HIS B 96 -32.93 10.54 -8.62
N ASN B 97 -31.66 10.46 -8.30
CA ASN B 97 -30.67 11.48 -8.54
C ASN B 97 -29.39 10.75 -8.87
N GLU B 98 -29.05 10.83 -10.13
CA GLU B 98 -27.90 10.07 -10.59
C GLU B 98 -26.66 10.56 -9.90
N ASP B 99 -26.67 11.80 -9.32
CA ASP B 99 -25.45 12.15 -8.64
C ASP B 99 -25.52 11.75 -7.18
N LEU B 100 -26.69 11.29 -6.72
CA LEU B 100 -26.79 10.86 -5.32
C LEU B 100 -27.35 9.44 -5.34
N PRO B 101 -26.52 8.46 -5.59
CA PRO B 101 -27.03 7.12 -5.82
C PRO B 101 -27.65 6.59 -4.56
N PHE B 102 -27.22 6.94 -3.33
CA PHE B 102 -27.89 6.45 -2.10
C PHE B 102 -28.41 7.65 -1.34
N GLN B 103 -29.70 7.80 -1.18
CA GLN B 103 -30.29 8.97 -0.52
C GLN B 103 -30.84 8.59 0.84
N GLY B 104 -29.97 7.90 1.58
CA GLY B 104 -30.50 7.37 2.85
C GLY B 104 -31.21 6.07 2.40
N GLY B 105 -31.48 5.22 3.36
CA GLY B 105 -32.12 3.91 3.10
C GLY B 105 -31.37 2.83 3.87
N ALA B 106 -31.44 1.62 3.25
CA ALA B 106 -30.83 0.44 3.84
C ALA B 106 -29.39 0.24 3.39
N LEU B 107 -28.57 -0.17 4.38
CA LEU B 107 -27.20 -0.42 3.91
C LEU B 107 -26.66 -1.44 4.87
N GLY B 108 -25.97 -2.42 4.21
CA GLY B 108 -25.33 -3.38 5.09
C GLY B 108 -25.04 -4.74 4.43
N LEU B 109 -25.01 -5.77 5.28
CA LEU B 109 -24.60 -7.12 4.92
C LEU B 109 -25.73 -8.14 4.69
N PHE B 110 -25.73 -8.84 3.58
CA PHE B 110 -26.57 -9.99 3.24
C PHE B 110 -25.55 -11.15 3.18
N GLY B 111 -25.40 -11.93 4.29
CA GLY B 111 -24.39 -13.00 4.34
C GLY B 111 -24.87 -14.16 3.43
N TYR B 112 -24.05 -15.03 2.89
CA TYR B 112 -24.38 -16.14 2.00
C TYR B 112 -25.48 -17.00 2.62
N ASP B 113 -25.43 -17.24 3.94
CA ASP B 113 -26.40 -18.16 4.56
C ASP B 113 -27.77 -17.57 4.68
N LEU B 114 -27.96 -16.30 4.35
CA LEU B 114 -29.29 -15.77 4.25
C LEU B 114 -29.97 -16.51 3.12
N GLY B 115 -29.25 -17.11 2.15
CA GLY B 115 -30.01 -17.75 1.05
C GLY B 115 -30.81 -18.92 1.62
N ARG B 116 -30.43 -19.43 2.81
CA ARG B 116 -31.24 -20.56 3.34
C ARG B 116 -32.60 -20.06 3.74
N ARG B 117 -32.93 -18.78 3.73
CA ARG B 117 -34.25 -18.35 4.08
C ARG B 117 -35.03 -18.40 2.81
N PHE B 118 -34.40 -18.60 1.65
CA PHE B 118 -35.20 -18.52 0.40
C PHE B 118 -35.28 -19.87 -0.31
N GLU B 119 -34.48 -20.80 0.15
CA GLU B 119 -34.28 -22.15 -0.32
C GLU B 119 -34.11 -23.15 0.83
N SER B 120 -34.78 -24.30 0.79
CA SER B 120 -34.57 -25.31 1.81
C SER B 120 -33.45 -26.27 1.41
N LEU B 121 -32.41 -26.18 2.24
CA LEU B 121 -31.21 -26.93 1.98
C LEU B 121 -30.83 -27.88 3.09
N PRO B 122 -30.18 -28.98 2.84
CA PRO B 122 -29.73 -29.73 3.99
C PRO B 122 -28.86 -28.84 4.87
N GLU B 123 -28.46 -29.20 6.08
CA GLU B 123 -27.58 -28.36 6.89
C GLU B 123 -26.41 -29.17 7.34
N ILE B 124 -25.51 -29.43 6.44
CA ILE B 124 -24.40 -30.25 6.95
C ILE B 124 -23.22 -29.49 7.47
N ALA B 125 -22.77 -28.38 6.83
CA ALA B 125 -21.57 -27.79 7.34
C ALA B 125 -21.82 -27.21 8.72
N GLU B 126 -20.71 -27.08 9.40
CA GLU B 126 -20.81 -26.45 10.73
C GLU B 126 -20.84 -24.93 10.73
N GLN B 127 -21.62 -24.42 11.69
CA GLN B 127 -21.87 -23.00 12.05
C GLN B 127 -20.90 -22.69 13.16
N ASP B 128 -19.74 -22.14 12.84
CA ASP B 128 -18.78 -21.89 13.90
C ASP B 128 -18.53 -20.38 14.02
N ILE B 129 -19.22 -19.60 13.22
CA ILE B 129 -19.01 -18.14 13.34
C ILE B 129 -20.29 -17.51 13.82
N VAL B 130 -20.27 -16.79 14.94
CA VAL B 130 -21.49 -16.10 15.31
C VAL B 130 -21.52 -14.73 14.60
N LEU B 131 -22.24 -14.61 13.50
CA LEU B 131 -22.29 -13.33 12.75
C LEU B 131 -23.60 -13.29 12.01
N PRO B 132 -24.33 -12.21 11.98
CA PRO B 132 -25.64 -12.32 11.38
C PRO B 132 -25.67 -12.65 9.92
N ASP B 133 -26.77 -13.31 9.48
CA ASP B 133 -27.03 -13.61 8.07
C ASP B 133 -27.48 -12.36 7.35
N MET B 134 -28.03 -11.42 8.14
CA MET B 134 -28.41 -10.12 7.64
C MET B 134 -28.02 -9.05 8.68
N ALA B 135 -27.36 -7.95 8.44
CA ALA B 135 -27.00 -6.92 9.42
C ALA B 135 -27.09 -5.67 8.60
N VAL B 136 -28.21 -5.01 8.62
CA VAL B 136 -28.42 -3.87 7.80
C VAL B 136 -28.85 -2.64 8.61
N GLY B 137 -28.28 -1.49 8.45
CA GLY B 137 -28.86 -0.30 9.15
C GLY B 137 -29.75 0.45 8.17
N ILE B 138 -30.67 1.22 8.67
CA ILE B 138 -31.57 2.18 8.02
C ILE B 138 -31.00 3.57 8.32
N TYR B 139 -30.60 4.30 7.29
CA TYR B 139 -29.96 5.59 7.41
C TYR B 139 -30.73 6.74 6.75
N ASP B 140 -30.85 7.79 7.61
CA ASP B 140 -31.52 9.01 7.24
C ASP B 140 -30.52 9.88 6.53
N TRP B 141 -29.24 9.52 6.43
CA TRP B 141 -28.32 10.51 5.89
C TRP B 141 -27.18 9.80 5.26
N ALA B 142 -26.24 10.46 4.66
CA ALA B 142 -25.11 9.77 4.05
C ALA B 142 -24.14 10.81 3.53
N LEU B 143 -22.95 10.28 3.47
CA LEU B 143 -21.90 11.07 2.90
C LEU B 143 -21.50 10.41 1.58
N ILE B 144 -21.58 11.10 0.49
CA ILE B 144 -21.24 10.56 -0.83
C ILE B 144 -20.02 11.20 -1.45
N VAL B 145 -19.08 10.43 -1.93
CA VAL B 145 -17.92 11.04 -2.50
C VAL B 145 -18.07 10.80 -3.97
N ASP B 146 -18.11 11.69 -4.92
CA ASP B 146 -18.32 11.40 -6.33
C ASP B 146 -17.07 11.67 -7.03
N HIS B 147 -16.42 10.68 -7.56
CA HIS B 147 -15.14 10.90 -8.12
C HIS B 147 -15.31 11.45 -9.55
N GLN B 148 -16.50 11.35 -10.12
CA GLN B 148 -16.61 11.91 -11.48
C GLN B 148 -16.75 13.41 -11.44
N ARG B 149 -17.68 13.88 -10.60
CA ARG B 149 -17.88 15.29 -10.39
C ARG B 149 -16.85 15.84 -9.42
N HIS B 150 -15.98 15.12 -8.74
CA HIS B 150 -15.11 15.74 -7.75
C HIS B 150 -15.97 16.50 -6.74
N THR B 151 -17.01 15.90 -6.24
CA THR B 151 -17.89 16.46 -5.21
C THR B 151 -18.09 15.46 -4.06
N VAL B 152 -17.99 15.98 -2.86
CA VAL B 152 -18.25 15.34 -1.56
C VAL B 152 -19.58 15.95 -1.06
N SER B 153 -20.65 15.14 -1.05
CA SER B 153 -21.95 15.62 -0.64
C SER B 153 -22.37 15.03 0.70
N LEU B 154 -22.82 15.95 1.58
CA LEU B 154 -23.27 15.39 2.86
C LEU B 154 -24.74 15.59 2.75
N LEU B 155 -25.50 14.52 2.84
CA LEU B 155 -26.95 14.74 2.64
C LEU B 155 -27.73 14.26 3.81
N SER B 156 -28.91 14.80 4.06
CA SER B 156 -29.72 14.38 5.21
C SER B 156 -31.16 14.76 4.95
N HIS B 157 -31.95 13.81 5.37
CA HIS B 157 -33.39 13.93 5.29
C HIS B 157 -33.75 14.54 6.64
N ASN B 158 -32.76 14.71 7.52
CA ASN B 158 -33.24 15.38 8.75
C ASN B 158 -32.47 16.68 8.76
N ASP B 159 -31.68 16.88 9.83
CA ASP B 159 -31.12 18.24 9.75
C ASP B 159 -29.72 18.20 9.20
N VAL B 160 -29.52 18.58 7.93
CA VAL B 160 -28.11 18.38 7.50
C VAL B 160 -27.15 19.24 8.31
N ASN B 161 -27.51 20.42 8.81
CA ASN B 161 -26.46 21.16 9.56
C ASN B 161 -26.14 20.47 10.85
N ALA B 162 -27.17 19.91 11.49
CA ALA B 162 -26.85 19.14 12.71
C ALA B 162 -25.94 17.95 12.36
N ARG B 163 -26.25 17.28 11.23
CA ARG B 163 -25.44 16.09 10.90
C ARG B 163 -24.00 16.51 10.70
N ARG B 164 -23.81 17.65 10.01
CA ARG B 164 -22.41 18.12 9.85
C ARG B 164 -21.72 18.38 11.19
N ALA B 165 -22.51 18.98 12.12
CA ALA B 165 -21.95 19.34 13.44
C ALA B 165 -21.48 18.07 14.13
N TRP B 166 -22.46 17.14 14.09
CA TRP B 166 -22.13 15.83 14.70
C TRP B 166 -20.86 15.20 14.16
N LEU B 167 -20.80 15.22 12.82
CA LEU B 167 -19.67 14.64 12.12
C LEU B 167 -18.41 15.39 12.44
N GLU B 168 -18.61 16.75 12.41
CA GLU B 168 -17.35 17.45 12.67
C GLU B 168 -16.99 17.32 14.14
N SER B 169 -17.90 16.92 15.00
CA SER B 169 -17.52 16.80 16.41
C SER B 169 -17.12 15.43 16.82
N GLN B 170 -17.13 14.45 15.93
CA GLN B 170 -16.66 13.14 16.34
C GLN B 170 -15.16 13.22 16.60
N GLN B 171 -14.62 12.99 17.80
CA GLN B 171 -13.16 13.23 17.86
C GLN B 171 -12.26 12.01 18.00
N PHE B 172 -12.87 10.82 17.94
CA PHE B 172 -12.04 9.65 17.92
C PHE B 172 -11.05 9.71 16.75
N SER B 173 -9.83 9.32 17.05
CA SER B 173 -8.80 9.20 16.03
C SER B 173 -8.21 7.80 16.18
N PRO B 174 -8.43 6.88 15.27
CA PRO B 174 -7.80 5.60 15.62
C PRO B 174 -6.28 5.77 15.45
N GLN B 175 -5.60 5.19 16.42
CA GLN B 175 -4.12 5.12 16.35
C GLN B 175 -3.59 3.73 16.52
N GLU B 176 -4.43 2.70 16.68
CA GLU B 176 -3.96 1.36 16.90
C GLU B 176 -3.69 0.67 15.55
N ASP B 177 -2.51 0.07 15.46
CA ASP B 177 -2.13 -0.68 14.29
C ASP B 177 -2.99 -1.94 14.24
N PHE B 178 -2.61 -2.74 13.24
CA PHE B 178 -3.30 -4.02 13.11
C PHE B 178 -2.11 -5.00 12.93
N THR B 179 -2.25 -6.10 13.61
CA THR B 179 -1.16 -7.07 13.53
C THR B 179 -1.62 -8.53 13.42
N LEU B 180 -1.25 -9.16 12.31
CA LEU B 180 -1.60 -10.58 12.24
C LEU B 180 -0.74 -11.19 13.34
N THR B 181 -1.36 -11.95 14.21
CA THR B 181 -0.51 -12.56 15.28
C THR B 181 -0.30 -14.02 15.01
N SER B 182 -0.56 -14.58 13.81
CA SER B 182 -0.31 -15.98 13.62
C SER B 182 -0.31 -16.02 12.10
N ASP B 183 0.05 -17.20 11.77
CA ASP B 183 0.04 -17.72 10.44
C ASP B 183 -1.37 -17.95 9.98
N TRP B 184 -1.69 -17.90 8.71
CA TRP B 184 -3.03 -18.26 8.32
C TRP B 184 -3.14 -19.76 8.28
N GLN B 185 -4.29 -20.34 8.66
CA GLN B 185 -4.22 -21.77 8.41
C GLN B 185 -5.51 -22.23 7.76
N SER B 186 -5.62 -23.18 6.82
CA SER B 186 -6.87 -23.56 6.20
C SER B 186 -7.76 -24.47 7.00
N ASN B 187 -9.08 -24.43 6.69
CA ASN B 187 -9.93 -25.36 7.38
C ASN B 187 -9.75 -26.75 6.69
N MET B 188 -8.81 -26.99 5.78
CA MET B 188 -8.71 -28.34 5.26
C MET B 188 -7.30 -28.53 4.72
N THR B 189 -6.88 -29.81 4.87
CA THR B 189 -5.60 -30.29 4.36
C THR B 189 -5.66 -30.41 2.85
N ARG B 190 -4.47 -30.31 2.26
CA ARG B 190 -4.35 -30.51 0.80
C ARG B 190 -5.07 -31.82 0.44
N GLU B 191 -4.97 -32.86 1.26
CA GLU B 191 -5.57 -34.13 0.91
C GLU B 191 -7.07 -34.06 1.15
N GLN B 192 -7.44 -33.29 2.18
CA GLN B 192 -8.88 -33.27 2.28
C GLN B 192 -9.41 -32.44 1.12
N TYR B 193 -8.71 -31.41 0.73
CA TYR B 193 -9.09 -30.60 -0.43
C TYR B 193 -9.25 -31.58 -1.64
N GLY B 194 -8.30 -32.49 -1.84
CA GLY B 194 -8.30 -33.37 -2.98
C GLY B 194 -9.56 -34.21 -2.99
N GLU B 195 -9.85 -34.68 -1.77
CA GLU B 195 -11.03 -35.52 -1.69
C GLU B 195 -12.31 -34.76 -2.05
N LYS B 196 -12.48 -33.50 -1.71
CA LYS B 196 -13.64 -32.66 -2.03
C LYS B 196 -13.71 -32.33 -3.53
N PHE B 197 -12.55 -31.90 -4.08
CA PHE B 197 -12.43 -31.60 -5.48
C PHE B 197 -12.92 -32.78 -6.33
N ARG B 198 -12.33 -33.90 -6.00
CA ARG B 198 -12.66 -35.08 -6.82
C ARG B 198 -14.08 -35.50 -6.68
N GLN B 199 -14.62 -35.26 -5.47
CA GLN B 199 -16.05 -35.56 -5.23
C GLN B 199 -16.88 -34.56 -6.08
N VAL B 200 -16.36 -33.30 -6.10
CA VAL B 200 -17.10 -32.40 -7.01
C VAL B 200 -17.09 -32.86 -8.45
N GLN B 201 -15.87 -33.22 -8.91
CA GLN B 201 -15.87 -33.71 -10.32
C GLN B 201 -16.69 -34.94 -10.53
N GLU B 202 -16.75 -35.83 -9.49
CA GLU B 202 -17.65 -37.02 -9.65
C GLU B 202 -19.06 -36.61 -9.74
N TYR B 203 -19.52 -35.55 -8.97
CA TYR B 203 -20.86 -35.00 -9.18
C TYR B 203 -21.09 -34.44 -10.58
N LEU B 204 -20.01 -33.89 -11.15
CA LEU B 204 -20.16 -33.42 -12.54
C LEU B 204 -20.21 -34.67 -13.42
N HIS B 205 -19.37 -35.66 -13.11
CA HIS B 205 -19.46 -36.90 -13.93
C HIS B 205 -20.87 -37.44 -13.97
N SER B 206 -21.56 -37.49 -12.79
CA SER B 206 -22.90 -38.10 -12.83
C SER B 206 -23.96 -37.13 -13.27
N GLY B 207 -23.61 -35.89 -13.67
CA GLY B 207 -24.80 -35.10 -14.09
C GLY B 207 -25.50 -34.27 -13.02
N ASP B 208 -24.99 -34.19 -11.81
CA ASP B 208 -25.62 -33.37 -10.80
C ASP B 208 -25.51 -31.91 -11.10
N CYS B 209 -24.30 -31.53 -11.47
CA CYS B 209 -23.97 -30.19 -11.87
C CYS B 209 -23.07 -30.01 -13.06
N TYR B 210 -22.95 -28.82 -13.68
CA TYR B 210 -22.00 -28.41 -14.61
C TYR B 210 -20.85 -27.70 -13.93
N GLN B 211 -21.15 -27.03 -12.82
CA GLN B 211 -20.13 -26.26 -12.20
C GLN B 211 -20.35 -26.14 -10.69
N VAL B 212 -19.34 -26.20 -9.82
CA VAL B 212 -19.65 -26.01 -8.38
C VAL B 212 -18.52 -25.16 -7.82
N ASN B 213 -18.78 -24.08 -7.13
CA ASN B 213 -17.73 -23.21 -6.59
C ASN B 213 -17.33 -23.75 -5.20
N LEU B 214 -16.13 -24.31 -5.08
CA LEU B 214 -15.75 -24.94 -3.82
C LEU B 214 -14.68 -24.13 -3.14
N ALA B 215 -14.90 -23.85 -1.89
CA ALA B 215 -13.87 -23.02 -1.27
C ALA B 215 -13.17 -23.46 -0.01
N GLN B 216 -11.93 -23.00 0.23
CA GLN B 216 -11.43 -23.28 1.59
C GLN B 216 -11.44 -21.92 2.31
N ARG B 217 -11.52 -22.04 3.61
CA ARG B 217 -11.51 -20.97 4.63
C ARG B 217 -10.18 -20.90 5.40
N PHE B 218 -9.45 -19.81 5.34
CA PHE B 218 -8.18 -19.56 5.95
C PHE B 218 -8.44 -18.67 7.20
N HIS B 219 -7.65 -18.94 8.23
CA HIS B 219 -7.84 -18.26 9.51
C HIS B 219 -6.57 -17.88 10.17
N ALA B 220 -6.68 -16.77 10.90
CA ALA B 220 -5.45 -16.42 11.61
C ALA B 220 -5.93 -15.60 12.81
N THR B 221 -4.97 -15.33 13.64
CA THR B 221 -5.11 -14.55 14.82
C THR B 221 -4.73 -13.13 14.61
N TYR B 222 -5.33 -12.13 15.25
CA TYR B 222 -4.72 -10.84 15.00
C TYR B 222 -4.78 -9.97 16.24
N SER B 223 -3.93 -8.92 16.23
CA SER B 223 -4.19 -7.93 17.27
C SER B 223 -4.34 -6.53 16.68
N GLY B 224 -5.12 -5.69 17.39
CA GLY B 224 -5.24 -4.29 16.96
C GLY B 224 -6.48 -3.93 16.15
N ASP B 225 -6.42 -2.88 15.36
CA ASP B 225 -7.60 -2.29 14.76
C ASP B 225 -7.83 -2.79 13.34
N GLU B 226 -9.00 -3.43 13.17
CA GLU B 226 -9.42 -4.01 11.88
C GLU B 226 -9.51 -2.92 10.81
N TRP B 227 -9.82 -1.70 11.22
CA TRP B 227 -9.88 -0.57 10.26
C TRP B 227 -8.55 -0.41 9.60
N GLN B 228 -7.38 -0.64 10.24
CA GLN B 228 -6.03 -0.46 9.68
C GLN B 228 -5.72 -1.54 8.64
N ALA B 229 -6.23 -2.76 8.85
CA ALA B 229 -6.06 -3.82 7.91
C ALA B 229 -6.83 -3.47 6.64
N PHE B 230 -8.02 -2.95 6.87
CA PHE B 230 -8.83 -2.60 5.71
C PHE B 230 -8.12 -1.50 4.95
N LEU B 231 -7.58 -0.51 5.61
CA LEU B 231 -6.97 0.62 4.86
C LEU B 231 -5.83 0.09 4.00
N GLN B 232 -5.06 -0.81 4.60
CA GLN B 232 -3.94 -1.41 3.90
C GLN B 232 -4.43 -2.27 2.75
N LEU B 233 -5.56 -2.96 2.92
CA LEU B 233 -5.90 -3.82 1.78
C LEU B 233 -6.57 -3.07 0.65
N ASN B 234 -7.23 -1.98 1.08
CA ASN B 234 -8.06 -1.26 0.15
C ASN B 234 -7.16 -0.68 -0.97
N GLN B 235 -6.14 -0.09 -0.42
CA GLN B 235 -5.00 0.50 -1.00
C GLN B 235 -4.53 -0.35 -2.17
N ALA B 236 -4.08 -1.49 -1.67
CA ALA B 236 -3.57 -2.55 -2.39
C ALA B 236 -4.55 -3.19 -3.39
N ASN B 237 -5.85 -3.27 -3.10
CA ASN B 237 -6.61 -4.06 -4.03
C ASN B 237 -7.30 -3.20 -5.08
N ARG B 238 -7.43 -1.91 -4.85
CA ARG B 238 -8.17 -1.09 -5.80
C ARG B 238 -9.52 -1.67 -6.34
N ALA B 239 -10.33 -2.32 -5.56
CA ALA B 239 -11.57 -3.04 -5.93
C ALA B 239 -12.79 -2.11 -5.85
N PRO B 240 -13.49 -2.06 -7.00
CA PRO B 240 -14.65 -1.17 -7.18
C PRO B 240 -15.80 -1.49 -6.25
N PHE B 241 -15.97 -2.61 -5.64
CA PHE B 241 -17.06 -2.92 -4.74
C PHE B 241 -16.59 -3.24 -3.29
N SER B 242 -15.58 -2.51 -2.80
CA SER B 242 -14.90 -2.70 -1.53
C SER B 242 -15.79 -2.21 -0.41
N ALA B 243 -15.66 -2.60 0.82
CA ALA B 243 -16.56 -2.09 1.86
C ALA B 243 -15.99 -2.33 3.21
N PHE B 244 -16.26 -1.56 4.22
CA PHE B 244 -15.72 -1.85 5.57
C PHE B 244 -16.97 -1.81 6.46
N LEU B 245 -17.36 -2.83 7.21
CA LEU B 245 -18.60 -2.66 7.97
C LEU B 245 -18.21 -2.89 9.42
N ARG B 246 -18.45 -1.96 10.32
CA ARG B 246 -18.28 -2.16 11.74
C ARG B 246 -19.63 -2.66 12.26
N LEU B 247 -19.81 -3.94 12.51
CA LEU B 247 -21.01 -4.57 12.96
C LEU B 247 -21.01 -4.73 14.46
N GLU B 248 -22.14 -5.01 15.02
CA GLU B 248 -22.01 -5.25 16.46
C GLU B 248 -21.16 -6.48 16.72
N GLN B 249 -21.16 -7.50 15.87
CA GLN B 249 -20.45 -8.69 16.22
C GLN B 249 -19.09 -8.81 15.61
N GLY B 250 -18.54 -7.87 14.89
CA GLY B 250 -17.19 -8.07 14.35
C GLY B 250 -17.12 -7.06 13.17
N ALA B 251 -16.04 -7.11 12.41
CA ALA B 251 -15.82 -6.27 11.27
C ALA B 251 -15.71 -7.10 9.98
N ILE B 252 -16.38 -6.50 9.02
CA ILE B 252 -16.33 -7.07 7.70
C ILE B 252 -15.45 -6.15 6.81
N LEU B 253 -14.40 -6.75 6.27
CA LEU B 253 -13.40 -6.13 5.37
C LEU B 253 -13.56 -6.70 3.97
N SER B 254 -14.26 -5.95 3.10
CA SER B 254 -14.49 -6.53 1.80
C SER B 254 -13.68 -5.90 0.74
N LEU B 255 -12.93 -6.62 -0.04
CA LEU B 255 -12.18 -5.95 -1.09
C LEU B 255 -12.69 -6.49 -2.40
N SER B 256 -14.02 -6.65 -2.53
CA SER B 256 -14.57 -7.26 -3.71
C SER B 256 -14.48 -6.40 -4.96
N PRO B 257 -14.00 -6.89 -6.08
CA PRO B 257 -14.09 -6.13 -7.31
C PRO B 257 -15.39 -6.38 -8.04
N GLU B 258 -16.32 -7.18 -7.46
CA GLU B 258 -17.49 -7.59 -8.19
C GLU B 258 -18.86 -7.09 -7.78
N ARG B 259 -19.51 -6.47 -8.74
CA ARG B 259 -20.89 -6.07 -8.54
C ARG B 259 -21.75 -7.32 -8.58
N PHE B 260 -22.84 -7.35 -7.83
CA PHE B 260 -23.75 -8.46 -7.87
C PHE B 260 -24.94 -8.04 -8.73
N ILE B 261 -25.76 -7.17 -8.08
CA ILE B 261 -26.89 -6.59 -8.80
C ILE B 261 -27.10 -5.08 -8.61
N LEU B 262 -27.25 -4.31 -9.71
CA LEU B 262 -27.52 -2.93 -9.66
C LEU B 262 -28.94 -2.80 -10.19
N CYS B 263 -29.74 -1.99 -9.56
CA CYS B 263 -31.09 -1.58 -9.96
C CYS B 263 -31.21 -0.07 -9.79
N ASP B 264 -31.29 0.56 -10.92
CA ASP B 264 -31.29 2.02 -11.06
C ASP B 264 -32.43 2.52 -11.90
N ASN B 265 -33.45 3.15 -11.37
CA ASN B 265 -34.57 3.56 -12.25
C ASN B 265 -35.17 2.40 -13.06
N SER B 266 -35.27 1.28 -12.33
CA SER B 266 -35.86 0.04 -12.79
C SER B 266 -35.02 -0.76 -13.79
N GLU B 267 -33.91 -0.21 -14.22
CA GLU B 267 -32.97 -0.95 -15.07
C GLU B 267 -32.03 -1.80 -14.16
N ILE B 268 -32.11 -3.12 -14.40
CA ILE B 268 -31.41 -4.14 -13.64
C ILE B 268 -30.09 -4.36 -14.31
N GLN B 269 -28.95 -4.38 -13.63
CA GLN B 269 -27.77 -4.76 -14.40
C GLN B 269 -26.97 -5.73 -13.51
N THR B 270 -26.20 -6.62 -14.08
CA THR B 270 -25.46 -7.47 -13.19
C THR B 270 -23.98 -7.06 -13.34
N ARG B 271 -23.13 -7.90 -13.92
CA ARG B 271 -21.70 -7.55 -13.87
C ARG B 271 -21.30 -6.56 -14.94
N PRO B 272 -20.61 -5.49 -14.55
CA PRO B 272 -20.13 -4.51 -15.55
C PRO B 272 -19.24 -5.19 -16.57
N ILE B 273 -19.32 -4.76 -17.82
CA ILE B 273 -18.57 -5.45 -18.86
C ILE B 273 -17.11 -5.07 -18.92
N LYS B 274 -16.61 -3.87 -18.68
CA LYS B 274 -15.15 -3.64 -18.66
C LYS B 274 -14.26 -4.58 -17.83
N GLY B 275 -14.47 -5.88 -17.76
CA GLY B 275 -13.87 -6.99 -17.06
C GLY B 275 -14.63 -8.29 -17.35
N ALA B 301 -24.05 -28.86 -35.38
CA ALA B 301 -24.33 -27.86 -34.31
C ALA B 301 -23.03 -27.50 -33.55
N GLU B 302 -23.07 -26.28 -32.98
CA GLU B 302 -21.89 -25.78 -32.30
C GLU B 302 -21.67 -26.67 -31.09
N ASN B 303 -20.42 -27.06 -30.87
CA ASN B 303 -20.27 -27.99 -29.78
C ASN B 303 -20.42 -27.29 -28.42
N LEU B 304 -20.36 -25.96 -28.40
CA LEU B 304 -20.39 -25.24 -27.12
C LEU B 304 -21.66 -24.50 -26.76
N MET B 305 -21.93 -24.41 -25.46
CA MET B 305 -23.05 -23.66 -24.93
C MET B 305 -22.51 -22.74 -23.84
N ILE B 306 -22.98 -21.55 -23.97
CA ILE B 306 -22.54 -20.52 -23.00
C ILE B 306 -23.65 -20.11 -22.06
N VAL B 307 -23.44 -20.23 -20.76
CA VAL B 307 -24.55 -19.97 -19.88
C VAL B 307 -24.08 -18.87 -18.97
N ASP B 308 -24.88 -17.89 -18.69
CA ASP B 308 -24.58 -16.85 -17.71
C ASP B 308 -25.24 -17.36 -16.40
N LEU B 309 -24.38 -17.46 -15.36
CA LEU B 309 -24.85 -18.10 -14.12
C LEU B 309 -25.92 -17.24 -13.43
N MET B 310 -26.22 -16.04 -13.82
CA MET B 310 -27.32 -15.33 -13.21
C MET B 310 -28.54 -15.16 -14.09
N ARG B 311 -28.38 -15.69 -15.31
CA ARG B 311 -29.46 -15.43 -16.36
C ARG B 311 -30.83 -15.93 -15.98
N ASN B 312 -30.90 -17.20 -15.51
CA ASN B 312 -32.15 -17.79 -15.09
C ASN B 312 -32.78 -17.06 -13.91
N ASP B 313 -31.96 -16.74 -12.89
CA ASP B 313 -32.38 -15.94 -11.76
C ASP B 313 -32.86 -14.56 -12.23
N ILE B 314 -32.05 -13.90 -13.10
CA ILE B 314 -32.59 -12.59 -13.46
C ILE B 314 -33.91 -12.70 -14.28
N GLY B 315 -34.03 -13.68 -15.15
CA GLY B 315 -35.13 -13.94 -16.03
C GLY B 315 -36.38 -14.22 -15.27
N ARG B 316 -36.06 -14.74 -14.08
CA ARG B 316 -37.19 -15.10 -13.32
C ARG B 316 -37.90 -13.89 -12.74
N VAL B 317 -37.28 -12.72 -12.57
CA VAL B 317 -38.02 -11.65 -11.96
C VAL B 317 -38.21 -10.54 -12.95
N ALA B 318 -37.38 -10.57 -13.99
CA ALA B 318 -37.53 -9.39 -14.76
C ALA B 318 -38.75 -9.39 -15.68
N VAL B 319 -39.07 -8.21 -16.22
CA VAL B 319 -40.18 -8.11 -17.16
C VAL B 319 -39.90 -8.97 -18.37
N ALA B 320 -40.93 -9.71 -18.67
CA ALA B 320 -40.82 -10.65 -19.79
C ALA B 320 -40.33 -9.88 -20.99
N GLY B 321 -39.38 -10.52 -21.62
CA GLY B 321 -38.75 -9.97 -22.82
C GLY B 321 -37.73 -8.89 -22.58
N SER B 322 -37.47 -8.48 -21.32
CA SER B 322 -36.55 -7.37 -21.25
C SER B 322 -35.14 -7.83 -21.06
N VAL B 323 -34.84 -9.13 -20.98
CA VAL B 323 -33.41 -9.29 -20.64
C VAL B 323 -32.44 -9.11 -21.76
N LYS B 324 -31.34 -8.37 -21.58
CA LYS B 324 -30.45 -8.33 -22.75
C LYS B 324 -29.06 -8.74 -22.32
N VAL B 325 -28.35 -9.39 -23.24
CA VAL B 325 -26.99 -9.83 -22.92
C VAL B 325 -26.16 -9.50 -24.12
N PRO B 326 -24.90 -9.25 -23.99
CA PRO B 326 -24.12 -9.00 -25.21
C PRO B 326 -23.92 -10.19 -26.10
N GLU B 327 -23.58 -9.92 -27.37
CA GLU B 327 -23.26 -10.90 -28.39
C GLU B 327 -21.90 -11.54 -28.03
N LEU B 328 -21.54 -12.82 -27.97
CA LEU B 328 -20.21 -13.30 -27.56
C LEU B 328 -19.54 -14.09 -28.71
N LEU B 340 -24.85 -1.64 -24.42
CA LEU B 340 -24.84 -2.71 -23.41
C LEU B 340 -23.51 -2.64 -22.61
N VAL B 341 -23.61 -2.33 -21.32
CA VAL B 341 -22.49 -2.12 -20.40
C VAL B 341 -22.32 -3.22 -19.40
N SER B 342 -23.37 -4.08 -19.32
CA SER B 342 -23.24 -5.14 -18.32
C SER B 342 -23.51 -6.51 -18.89
N THR B 343 -23.11 -7.63 -18.29
CA THR B 343 -23.37 -8.96 -18.93
C THR B 343 -24.85 -9.29 -19.00
N ILE B 344 -25.64 -8.71 -18.06
CA ILE B 344 -27.09 -8.88 -18.14
C ILE B 344 -27.75 -7.52 -17.92
N THR B 345 -28.66 -7.04 -18.70
CA THR B 345 -29.44 -5.82 -18.46
C THR B 345 -30.90 -6.24 -18.52
N ALA B 346 -31.83 -5.76 -17.74
CA ALA B 346 -33.20 -6.15 -17.75
C ALA B 346 -34.08 -5.10 -17.12
N GLN B 347 -35.41 -5.28 -17.06
CA GLN B 347 -36.23 -4.30 -16.40
C GLN B 347 -36.94 -4.85 -15.19
N LEU B 348 -36.96 -4.08 -14.13
CA LEU B 348 -37.70 -4.49 -12.94
C LEU B 348 -39.20 -4.28 -13.14
N PRO B 349 -40.07 -5.24 -12.97
CA PRO B 349 -41.50 -4.95 -13.15
C PRO B 349 -41.88 -3.86 -12.16
N GLU B 350 -42.82 -3.05 -12.53
CA GLU B 350 -43.41 -1.93 -11.80
C GLU B 350 -43.91 -2.42 -10.47
N GLN B 351 -44.43 -3.64 -10.36
CA GLN B 351 -44.92 -4.05 -9.04
C GLN B 351 -43.89 -4.61 -8.07
N LEU B 352 -42.63 -4.84 -8.42
CA LEU B 352 -41.58 -5.42 -7.59
C LEU B 352 -40.70 -4.41 -6.96
N HIS B 353 -40.12 -4.70 -5.86
CA HIS B 353 -39.08 -3.83 -5.35
C HIS B 353 -37.71 -4.39 -5.63
N ALA B 354 -36.69 -3.59 -5.48
CA ALA B 354 -35.34 -4.09 -5.68
C ALA B 354 -35.11 -5.23 -4.68
N SER B 355 -35.69 -5.16 -3.47
CA SER B 355 -35.36 -6.29 -2.63
C SER B 355 -35.97 -7.60 -3.15
N ASP B 356 -37.00 -7.52 -4.04
CA ASP B 356 -37.59 -8.74 -4.59
C ASP B 356 -36.56 -9.34 -5.53
N LEU B 357 -35.89 -8.42 -6.27
CA LEU B 357 -34.89 -8.89 -7.21
C LEU B 357 -33.74 -9.56 -6.51
N LEU B 358 -33.40 -8.94 -5.34
CA LEU B 358 -32.25 -9.47 -4.59
C LEU B 358 -32.60 -10.91 -4.15
N ARG B 359 -33.85 -10.99 -3.60
CA ARG B 359 -34.33 -12.24 -3.12
C ARG B 359 -34.20 -13.30 -4.23
N ALA B 360 -34.72 -13.04 -5.43
CA ALA B 360 -34.73 -14.00 -6.52
C ALA B 360 -33.37 -14.52 -6.99
N ALA B 361 -32.35 -13.67 -6.71
CA ALA B 361 -31.03 -14.06 -7.23
C ALA B 361 -30.04 -14.52 -6.21
N PHE B 362 -30.45 -14.60 -4.93
CA PHE B 362 -29.55 -14.79 -3.83
C PHE B 362 -29.39 -16.19 -3.23
N PRO B 363 -28.20 -16.70 -2.96
CA PRO B 363 -26.88 -16.05 -3.22
C PRO B 363 -26.53 -16.23 -4.67
N GLY B 364 -25.59 -15.48 -5.19
CA GLY B 364 -25.24 -15.42 -6.59
C GLY B 364 -24.89 -16.71 -7.23
N GLY B 365 -25.56 -16.91 -8.36
CA GLY B 365 -25.18 -18.09 -9.11
C GLY B 365 -23.72 -18.19 -9.51
N SER B 366 -23.10 -17.04 -9.62
CA SER B 366 -21.69 -17.06 -10.06
C SER B 366 -20.77 -17.49 -8.91
N ILE B 367 -21.25 -17.56 -7.67
CA ILE B 367 -20.30 -18.09 -6.66
C ILE B 367 -20.88 -19.34 -6.10
N THR B 368 -21.86 -19.98 -6.72
CA THR B 368 -22.35 -21.29 -6.31
C THR B 368 -22.10 -22.34 -7.42
N GLY B 369 -22.78 -22.13 -8.57
CA GLY B 369 -22.56 -23.07 -9.69
C GLY B 369 -23.91 -23.19 -10.40
N ALA B 370 -24.02 -24.28 -11.15
CA ALA B 370 -25.16 -24.52 -11.95
C ALA B 370 -25.41 -26.03 -11.97
N PRO B 371 -26.63 -26.56 -11.79
CA PRO B 371 -27.83 -25.78 -11.32
C PRO B 371 -27.47 -25.38 -9.88
N LYS B 372 -27.93 -24.15 -9.60
CA LYS B 372 -27.64 -23.45 -8.35
C LYS B 372 -27.97 -24.22 -7.06
N VAL B 373 -29.20 -24.66 -6.93
CA VAL B 373 -29.53 -25.36 -5.66
C VAL B 373 -28.65 -26.60 -5.42
N ARG B 374 -28.55 -27.39 -6.48
CA ARG B 374 -27.75 -28.60 -6.36
C ARG B 374 -26.34 -28.16 -5.96
N ALA B 375 -25.90 -27.13 -6.72
CA ALA B 375 -24.55 -26.72 -6.36
C ALA B 375 -24.46 -26.29 -4.90
N MET B 376 -25.49 -25.61 -4.41
CA MET B 376 -25.48 -25.12 -3.08
C MET B 376 -25.41 -26.29 -2.11
N GLU B 377 -26.15 -27.34 -2.48
CA GLU B 377 -26.17 -28.55 -1.58
C GLU B 377 -24.78 -29.13 -1.50
N ILE B 378 -24.11 -29.22 -2.67
CA ILE B 378 -22.76 -29.77 -2.56
C ILE B 378 -21.74 -28.92 -1.85
N ILE B 379 -21.84 -27.59 -1.94
CA ILE B 379 -21.01 -26.68 -1.23
C ILE B 379 -21.16 -26.97 0.29
N ASP B 380 -22.41 -27.06 0.68
CA ASP B 380 -22.70 -27.28 2.11
C ASP B 380 -22.34 -28.69 2.60
N GLU B 381 -22.34 -29.62 1.65
CA GLU B 381 -21.96 -31.00 2.00
C GLU B 381 -20.48 -31.02 2.23
N LEU B 382 -19.70 -30.30 1.38
CA LEU B 382 -18.26 -30.45 1.35
C LEU B 382 -17.41 -29.41 2.08
N GLU B 383 -17.97 -28.17 2.11
CA GLU B 383 -17.19 -27.20 2.90
C GLU B 383 -17.45 -27.48 4.37
N PRO B 384 -16.42 -27.64 5.19
CA PRO B 384 -16.66 -28.02 6.61
C PRO B 384 -17.45 -26.99 7.41
N GLN B 385 -17.28 -25.71 7.03
CA GLN B 385 -18.06 -24.70 7.75
C GLN B 385 -18.93 -23.87 6.86
N ARG B 386 -19.90 -23.23 7.38
CA ARG B 386 -20.78 -22.35 6.68
C ARG B 386 -20.04 -21.12 6.13
N ARG B 387 -20.55 -20.58 5.01
CA ARG B 387 -19.87 -19.43 4.40
C ARG B 387 -20.16 -18.16 5.22
N ASN B 388 -21.23 -18.05 5.97
CA ASN B 388 -21.44 -16.81 6.72
C ASN B 388 -21.31 -15.61 5.78
N ALA B 389 -20.37 -14.64 6.06
CA ALA B 389 -20.39 -13.48 5.21
C ALA B 389 -19.77 -13.63 3.84
N TRP B 390 -18.96 -14.67 3.63
CA TRP B 390 -18.23 -14.76 2.34
C TRP B 390 -19.13 -15.17 1.23
N CYS B 391 -19.09 -14.51 0.06
CA CYS B 391 -19.93 -14.86 -1.11
C CYS B 391 -21.38 -14.54 -0.88
N GLY B 392 -21.57 -13.74 0.21
CA GLY B 392 -22.96 -13.17 0.27
C GLY B 392 -22.87 -11.81 -0.46
N SER B 393 -23.46 -10.70 0.01
CA SER B 393 -23.41 -9.47 -0.66
C SER B 393 -23.47 -8.31 0.36
N ILE B 394 -22.92 -7.19 -0.06
CA ILE B 394 -22.95 -5.98 0.77
C ILE B 394 -23.62 -4.98 -0.13
N GLY B 395 -24.45 -4.06 0.39
CA GLY B 395 -24.94 -3.08 -0.60
C GLY B 395 -25.96 -2.21 0.10
N TYR B 396 -26.70 -1.50 -0.72
CA TYR B 396 -27.69 -0.61 -0.23
C TYR B 396 -29.00 -0.71 -1.00
N LEU B 397 -30.08 -0.39 -0.35
CA LEU B 397 -31.38 -0.19 -0.94
C LEU B 397 -31.75 1.28 -0.58
N SER B 398 -31.57 2.19 -1.52
CA SER B 398 -31.83 3.61 -1.36
C SER B 398 -33.32 3.86 -1.18
N PHE B 399 -33.63 4.92 -0.40
CA PHE B 399 -35.00 5.40 -0.21
C PHE B 399 -35.52 5.76 -1.59
N CYS B 400 -34.68 6.16 -2.57
CA CYS B 400 -35.19 6.49 -3.88
C CYS B 400 -35.59 5.21 -4.68
N GLY B 401 -35.42 4.00 -4.20
CA GLY B 401 -35.84 2.74 -4.83
C GLY B 401 -34.64 2.04 -5.44
N ASN B 402 -33.58 2.79 -5.74
CA ASN B 402 -32.41 2.09 -6.27
C ASN B 402 -31.63 1.24 -5.30
N MET B 403 -30.86 0.41 -6.03
CA MET B 403 -30.05 -0.57 -5.36
C MET B 403 -28.70 -0.84 -6.05
N ASP B 404 -27.69 -1.15 -5.21
CA ASP B 404 -26.39 -1.54 -5.73
C ASP B 404 -25.89 -2.55 -4.71
N THR B 405 -25.30 -3.63 -5.21
CA THR B 405 -24.80 -4.68 -4.34
C THR B 405 -23.53 -5.32 -4.89
N SER B 406 -22.72 -5.82 -3.97
CA SER B 406 -21.48 -6.44 -4.36
C SER B 406 -21.58 -7.95 -4.21
N ILE B 407 -20.69 -8.76 -4.71
CA ILE B 407 -20.60 -10.16 -4.30
C ILE B 407 -19.43 -10.22 -3.34
N THR B 408 -19.66 -10.75 -2.15
CA THR B 408 -18.49 -10.55 -1.29
C THR B 408 -17.44 -11.63 -1.36
N ILE B 409 -16.83 -11.75 -2.50
CA ILE B 409 -15.58 -12.46 -2.65
C ILE B 409 -14.46 -11.58 -2.02
N ARG B 410 -13.22 -12.02 -1.82
CA ARG B 410 -12.16 -11.24 -1.24
C ARG B 410 -12.63 -10.41 -0.05
N THR B 411 -13.33 -11.17 0.79
CA THR B 411 -13.87 -10.47 1.95
C THR B 411 -13.43 -11.15 3.24
N LEU B 412 -12.95 -10.44 4.22
CA LEU B 412 -12.45 -11.02 5.45
C LEU B 412 -13.41 -10.77 6.58
N THR B 413 -13.50 -11.65 7.53
CA THR B 413 -14.39 -11.48 8.68
C THR B 413 -13.49 -11.38 9.90
N ALA B 414 -13.57 -10.32 10.68
CA ALA B 414 -12.62 -10.19 11.78
C ALA B 414 -13.47 -10.16 13.04
N ILE B 415 -13.31 -11.11 13.93
CA ILE B 415 -14.01 -11.26 15.20
C ILE B 415 -13.10 -11.65 16.38
N ASN B 416 -13.10 -10.70 17.33
CA ASN B 416 -12.39 -10.85 18.59
C ASN B 416 -11.02 -11.51 18.42
N GLY B 417 -10.17 -10.96 17.56
CA GLY B 417 -8.83 -11.55 17.42
C GLY B 417 -8.77 -12.73 16.45
N GLN B 418 -9.96 -13.19 15.99
CA GLN B 418 -9.80 -14.16 14.91
C GLN B 418 -10.24 -13.55 13.58
N ILE B 419 -9.43 -13.81 12.56
CA ILE B 419 -9.87 -13.30 11.25
C ILE B 419 -9.89 -14.45 10.22
N PHE B 420 -10.90 -14.45 9.34
CA PHE B 420 -11.17 -15.44 8.32
C PHE B 420 -11.15 -14.86 6.96
N CYS B 421 -10.58 -15.55 6.03
CA CYS B 421 -10.43 -15.16 4.65
C CYS B 421 -10.92 -16.31 3.78
N SER B 422 -11.81 -16.42 2.83
CA SER B 422 -12.06 -17.71 2.15
C SER B 422 -11.57 -17.59 0.71
N ALA B 423 -11.29 -18.73 0.08
CA ALA B 423 -10.95 -18.52 -1.34
C ALA B 423 -11.32 -19.84 -2.04
N GLY B 424 -11.85 -19.69 -3.22
CA GLY B 424 -12.31 -20.90 -3.90
C GLY B 424 -12.24 -20.74 -5.40
N GLY B 425 -12.95 -21.58 -6.11
CA GLY B 425 -12.90 -21.62 -7.56
C GLY B 425 -14.08 -22.42 -8.11
N GLY B 426 -14.52 -21.93 -9.28
CA GLY B 426 -15.60 -22.63 -9.95
C GLY B 426 -14.96 -23.93 -10.44
N ILE B 427 -15.33 -25.04 -9.91
CA ILE B 427 -14.92 -26.35 -10.50
C ILE B 427 -15.86 -26.82 -11.59
N VAL B 428 -15.20 -27.05 -12.73
CA VAL B 428 -15.94 -27.49 -13.92
C VAL B 428 -15.28 -28.79 -14.42
N ALA B 429 -15.77 -29.49 -15.44
CA ALA B 429 -15.22 -30.80 -15.78
C ALA B 429 -13.74 -30.78 -16.09
N ASP B 430 -13.22 -29.70 -16.68
CA ASP B 430 -11.86 -29.75 -17.06
C ASP B 430 -10.97 -29.04 -16.07
N SER B 431 -11.42 -28.80 -14.85
CA SER B 431 -10.58 -28.13 -13.93
C SER B 431 -9.48 -29.05 -13.41
N GLN B 432 -8.39 -28.56 -12.93
CA GLN B 432 -7.36 -29.47 -12.38
C GLN B 432 -7.13 -29.27 -10.89
N GLU B 433 -7.11 -30.40 -10.19
CA GLU B 433 -7.07 -30.38 -8.75
C GLU B 433 -5.94 -29.53 -8.20
N GLU B 434 -4.72 -29.83 -8.66
CA GLU B 434 -3.56 -29.13 -8.07
C GLU B 434 -3.61 -27.67 -8.52
N ALA B 435 -3.87 -27.36 -9.80
CA ALA B 435 -3.93 -25.95 -10.14
C ALA B 435 -4.97 -25.15 -9.33
N GLU B 436 -6.16 -25.81 -9.25
CA GLU B 436 -7.27 -25.21 -8.48
C GLU B 436 -6.83 -24.89 -7.06
N TYR B 437 -6.23 -25.89 -6.37
CA TYR B 437 -5.77 -25.66 -5.01
C TYR B 437 -4.78 -24.51 -4.85
N GLN B 438 -3.83 -24.50 -5.81
CA GLN B 438 -2.82 -23.46 -5.63
C GLN B 438 -3.41 -22.15 -6.17
N GLU B 439 -4.37 -22.15 -7.08
CA GLU B 439 -4.95 -20.84 -7.43
C GLU B 439 -5.41 -20.21 -6.10
N THR B 440 -6.37 -20.88 -5.46
CA THR B 440 -6.85 -20.61 -4.14
C THR B 440 -5.79 -20.22 -3.13
N PHE B 441 -4.59 -20.81 -3.00
CA PHE B 441 -3.64 -20.43 -1.97
C PHE B 441 -2.92 -19.15 -2.40
N ASP B 442 -3.35 -18.57 -3.51
CA ASP B 442 -2.74 -17.33 -4.00
C ASP B 442 -3.75 -16.53 -4.80
N LYS B 443 -4.99 -16.68 -4.36
CA LYS B 443 -6.18 -15.98 -4.90
C LYS B 443 -6.31 -14.94 -3.78
N VAL B 444 -5.59 -15.43 -2.77
CA VAL B 444 -5.51 -14.63 -1.59
C VAL B 444 -4.10 -14.17 -1.36
N ASN B 445 -3.09 -14.82 -1.94
CA ASN B 445 -1.62 -14.57 -1.92
C ASN B 445 -1.40 -13.17 -1.30
N ARG B 446 -1.73 -12.25 -2.19
CA ARG B 446 -1.77 -10.85 -1.91
C ARG B 446 -2.09 -10.41 -0.47
N ILE B 447 -3.42 -10.46 -0.30
CA ILE B 447 -4.21 -10.07 0.85
C ILE B 447 -3.51 -10.65 2.10
N LEU B 448 -3.47 -11.96 2.09
CA LEU B 448 -2.83 -12.70 3.16
C LEU B 448 -1.40 -12.16 3.30
N LYS B 449 -0.65 -11.97 2.22
CA LYS B 449 0.70 -11.43 2.30
C LYS B 449 0.69 -10.11 3.08
N GLN B 450 0.16 -9.08 2.40
CA GLN B 450 0.02 -7.75 2.95
C GLN B 450 -0.36 -7.66 4.45
N LEU B 451 -1.27 -8.25 5.20
CA LEU B 451 -1.47 -7.96 6.61
C LEU B 451 -0.62 -8.56 7.72
P PO4 C . 33.89 4.81 -9.95
O1 PO4 C . 32.33 4.97 -9.92
O2 PO4 C . 34.23 4.37 -11.39
O3 PO4 C . 34.57 6.01 -9.45
O4 PO4 C . 34.17 3.39 -9.28
N TRP D . 14.81 5.80 9.04
CA TRP D . 14.86 7.24 9.30
C TRP D . 14.24 7.78 10.55
O TRP D . 13.44 7.05 11.19
CB TRP D . 14.08 7.90 8.11
CG TRP D . 14.56 7.40 6.79
CD1 TRP D . 13.93 6.39 6.04
CD2 TRP D . 15.69 7.83 6.07
NE1 TRP D . 14.68 6.23 4.87
CE2 TRP D . 15.75 7.07 4.87
CE3 TRP D . 16.68 8.80 6.33
CZ2 TRP D . 16.75 7.23 3.91
CZ3 TRP D . 17.67 8.97 5.40
CH2 TRP D . 17.69 8.20 4.22
OXT TRP D . 14.46 8.95 11.00
P PO4 E . -23.47 -23.35 3.66
O1 PO4 E . -24.91 -23.47 3.38
O2 PO4 E . -23.12 -21.95 4.21
O3 PO4 E . -23.16 -24.30 4.77
O4 PO4 E . -22.63 -23.71 2.39
N TRP F . -18.75 1.11 -6.93
CA TRP F . -20.03 1.68 -6.56
C TRP F . -20.22 2.94 -7.41
O TRP F . -19.35 3.60 -7.94
CB TRP F . -20.27 2.18 -5.11
CG TRP F . -19.82 1.03 -4.20
CD1 TRP F . -18.57 0.92 -3.66
CD2 TRP F . -20.55 -0.13 -3.75
NE1 TRP F . -18.50 -0.24 -2.89
CE2 TRP F . -19.66 -0.89 -2.92
CE3 TRP F . -21.84 -0.65 -3.92
CZ2 TRP F . -20.03 -2.09 -2.28
CZ3 TRP F . -22.25 -1.85 -3.29
CH2 TRP F . -21.34 -2.61 -2.46
OXT TRP F . -21.40 3.25 -7.52
#